data_8IHB
#
_entry.id   8IHB
#
_cell.length_a   1.00
_cell.length_b   1.00
_cell.length_c   1.00
_cell.angle_alpha   90.00
_cell.angle_beta   90.00
_cell.angle_gamma   90.00
#
_symmetry.space_group_name_H-M   'P 1'
#
loop_
_entity.id
_entity.type
_entity.pdbx_description
1 polymer 'Soluble cytochrome b562,Hydroxycarboxylic acid receptor 2'
2 polymer 'Guanine nucleotide-binding protein G(i) subunit alpha-1'
3 polymer scFv16
4 polymer 'Guanine nucleotide-binding protein G(I)/G(S)/G(T) subunit beta-1'
5 polymer 'Guanine nucleotide-binding protein G(I)/G(S)/G(O) subunit gamma-2'
6 non-polymer 2-acetamido-2-deoxy-beta-D-glucopyranose
7 non-polymer 8-chloranyl-3-pentyl-7H-purine-2,6-dione
#
loop_
_entity_poly.entity_id
_entity_poly.type
_entity_poly.pdbx_seq_one_letter_code
_entity_poly.pdbx_strand_id
1 'polypeptide(L)'
;MKTIIALSYIFCLVFADYKDDDDKADLEDNWETLNDNLKVIEKADNAAQVKDALTKMRAAALDAQKATPPKLEDKSPDSP
EMKDFRHGFDILVGQIDDALKLANEGKVKEAQAAAEQLKTTRNAYIQKYLNRHHLQDHFLEIDKKNCCVFRDDFIVKVLP
PVLGLEFIFGLLGNGLALWIFCFHLKSWKSSRIFLFNLAVADFLLIICLPFLMDNYVRRWDWKFGDIPCRLMLFMLAMNR
QGSIIFLTVVAVDRYFRVVHPHHALNKISNRTAAIISCLLWGITIGLTVHLLKKKMPIQNGGANLCSSFSICHTFQWHEA
MFLLEFFLPLGIILFCSARIIWSLRQRQMDRHAKIKRAITFIMVVAIVFVICFLPSVVVRIRIFWLLHTSGTQNCEVYRS
VDLAFFITLSFTYMNSMLDPVVYYFSSPSFPNFFSTLINRCLQRKMTGEPDNNRSTSVELTGDPNKTRGAPEALMANSGE
PWSPSYLGPTSPENLYFQGSVFTLEDFVGDWEQTAAYNLDQVLEQGGVSSLLQNLAVSVTPIQRIVRSGENALKIDIHVI
IPYEGLSADQMAQIEEVFKVVYPVDDHHFKVILPYGTLVIDGVTPNMLNYFGRPYEGIAVFDGKKITVTGTLWNGNKIID
ERLITPDGSMLFRVTINS
;
R
2 'polypeptide(L)'
;MGCTLSAEDKAAVERSKMIDRNLREDGEKAAREVKLLLLGAGESGKSTIVKQMKIIHEAGYSEEECKQYKAVVYSNTIQS
IIAIIRAMGRLKIDFGDSARADDARQLFVLAGAAEEGFMTAELAGVIKRLWKDSGVQACFNRSREYQLNDSAAYYLNDLD
RIAQPNYIPTQQDVLRTRVKTTGIVETHFTFKDLHFKMFDVGAQRSERKKWIHCFEGVAAIIFCVALSDYDLVLAEDEEM
NRMHESMKLFDSICNNKWFTDTSIILFLNKKDLFEEKIKKSPLTICYQEYAGSNTYEEAAAYIQCQFEDLNKRKDTKEIY
THFTCSTDTKNVQFVFDAVTDVIIKNNLKDCGLF
;
A
3 'polypeptide(L)'
;DVQLVESGGGLVQPGGSRKLSCSASGFAFSSFGMHWVRQAPEKGLEWVAYISSGSGTIYYADTVKGRFTISRDDPKNTLF
LQMTSLRSEDTAMYYCVRSIYYYGSSPFDFWGQGTTLTVSSGGGGSGGGGSGGGGSDIVMTQATSSVPVTPGESVSISCR
SSKSLLHSNGNTYLYWFLQRPGQSPQLLIYRMSNLASGVPDRFSGSGSGTAFTLTISRLEAEDVGVYYCMQHLEYPLTFG
AGTKLELK
;
S
4 'polypeptide(L)'
;MHHHHHHHHENLYFQGSSELDQLRQEAEQLKNQIRDARKACADATLSQITNNIDPVGRIQMRTRRTLRGHLAKIYAMHWG
TDSRLLVSASQDGKLIIWDSYTTNKVHAIPLRSSWVMTCAYAPSGNYVACGGLDNICSIYNLKTREGNVRVSRELAGHTG
YLSCCRFLDDNQIVTSSGDTTCALWDIETGQQTTTFTGHTGDVMSLSLAPDTRLFVSGACDASAKLWDVREGMCRQTFTG
HESDINAICFFPNGNAFATGSDDATCRLFDLRADQELMTYSHDNIICGITSVSFSKSGRLLLAGYDDFNCNVWDALKADR
AGVLAGHDNRVSCLGVTDDGMAVATGSWDSFLKIWNGGSGGGGSGGSSSGGVSGWRLFKKIS
;
B
5 'polypeptide(L)' SNNTASIAQARKLVEQLKMEANIDRIKVSKAAADLMAYCEAHAKEDPLLTPVPASENPFREKKFFCAIL C
#
# COMPACT_ATOMS: atom_id res chain seq x y z
N HIS A 138 -61.84 -30.07 -1.08
CA HIS A 138 -62.91 -30.43 -0.16
C HIS A 138 -62.49 -30.22 1.29
N PHE A 139 -62.28 -31.33 2.00
CA PHE A 139 -61.92 -31.28 3.42
C PHE A 139 -60.79 -32.24 3.70
N LEU A 140 -60.02 -31.94 4.75
CA LEU A 140 -58.90 -32.77 5.15
C LEU A 140 -58.57 -32.48 6.61
N GLU A 141 -58.42 -33.53 7.40
CA GLU A 141 -57.99 -33.39 8.78
C GLU A 141 -56.47 -33.45 8.82
N ILE A 142 -55.84 -32.33 9.16
CA ILE A 142 -54.38 -32.23 9.20
C ILE A 142 -53.99 -31.86 10.62
N ASP A 143 -53.37 -32.81 11.31
CA ASP A 143 -52.74 -32.60 12.62
C ASP A 143 -53.64 -31.82 13.58
N LYS A 144 -54.86 -32.33 13.75
CA LYS A 144 -55.86 -31.84 14.71
C LYS A 144 -56.31 -30.40 14.42
N LYS A 145 -56.31 -29.99 13.15
CA LYS A 145 -57.07 -28.82 12.72
C LYS A 145 -57.97 -29.19 11.55
N ASN A 146 -59.19 -28.66 11.58
CA ASN A 146 -60.13 -28.79 10.46
C ASN A 146 -59.63 -27.92 9.31
N CYS A 147 -58.97 -28.50 8.33
CA CYS A 147 -58.42 -27.74 7.22
C CYS A 147 -59.08 -28.13 5.90
N CYS A 148 -59.08 -27.19 4.96
CA CYS A 148 -59.65 -27.40 3.64
C CYS A 148 -58.54 -27.41 2.59
N VAL A 149 -58.60 -28.38 1.70
CA VAL A 149 -57.63 -28.51 0.62
C VAL A 149 -58.38 -28.63 -0.70
N PHE A 150 -57.94 -27.88 -1.70
CA PHE A 150 -58.52 -27.91 -3.03
C PHE A 150 -57.47 -28.38 -4.03
N ARG A 151 -57.94 -29.02 -5.09
CA ARG A 151 -57.08 -29.48 -6.19
C ARG A 151 -57.73 -28.98 -7.48
N ASP A 152 -57.40 -27.76 -7.87
CA ASP A 152 -58.01 -27.14 -9.04
C ASP A 152 -57.28 -27.58 -10.31
N ASP A 153 -58.05 -27.70 -11.39
CA ASP A 153 -57.47 -28.09 -12.67
C ASP A 153 -56.67 -26.95 -13.29
N PHE A 154 -57.03 -25.70 -12.97
CA PHE A 154 -56.31 -24.55 -13.51
C PHE A 154 -54.89 -24.46 -12.97
N ILE A 155 -54.62 -25.08 -11.83
CA ILE A 155 -53.28 -25.03 -11.24
C ILE A 155 -52.27 -25.69 -12.17
N VAL A 156 -52.64 -26.82 -12.77
CA VAL A 156 -51.72 -27.55 -13.64
C VAL A 156 -51.38 -26.73 -14.88
N LYS A 157 -52.33 -25.96 -15.40
CA LYS A 157 -52.14 -25.22 -16.64
C LYS A 157 -51.64 -23.79 -16.43
N VAL A 158 -51.34 -23.39 -15.19
CA VAL A 158 -50.92 -22.03 -14.91
C VAL A 158 -49.56 -22.00 -14.24
N LEU A 159 -49.45 -22.66 -13.08
CA LEU A 159 -48.22 -22.56 -12.29
C LEU A 159 -47.00 -23.14 -12.99
N PRO A 160 -47.04 -24.35 -13.56
CA PRO A 160 -45.84 -24.89 -14.22
C PRO A 160 -45.35 -24.00 -15.36
N PRO A 161 -46.24 -23.39 -16.16
CA PRO A 161 -45.74 -22.39 -17.11
C PRO A 161 -45.04 -21.22 -16.44
N VAL A 162 -45.60 -20.70 -15.34
CA VAL A 162 -45.03 -19.52 -14.70
C VAL A 162 -43.69 -19.86 -14.07
N LEU A 163 -43.63 -20.95 -13.30
CA LEU A 163 -42.40 -21.32 -12.61
C LEU A 163 -41.30 -21.76 -13.57
N GLY A 164 -41.67 -22.26 -14.76
CA GLY A 164 -40.65 -22.65 -15.72
C GLY A 164 -39.84 -21.48 -16.24
N LEU A 165 -40.53 -20.38 -16.59
CA LEU A 165 -39.83 -19.20 -17.08
C LEU A 165 -38.93 -18.59 -16.02
N GLU A 166 -39.39 -18.57 -14.76
CA GLU A 166 -38.59 -18.02 -13.68
C GLU A 166 -37.35 -18.87 -13.40
N PHE A 167 -37.44 -20.19 -13.57
CA PHE A 167 -36.33 -21.06 -13.25
C PHE A 167 -35.18 -20.89 -14.24
N ILE A 168 -35.48 -20.89 -15.54
CA ILE A 168 -34.43 -20.82 -16.54
C ILE A 168 -33.73 -19.47 -16.48
N PHE A 169 -34.50 -18.38 -16.47
CA PHE A 169 -33.91 -17.05 -16.39
C PHE A 169 -33.23 -16.82 -15.05
N GLY A 170 -33.83 -17.35 -13.97
CA GLY A 170 -33.19 -17.24 -12.68
C GLY A 170 -31.87 -17.98 -12.61
N LEU A 171 -31.79 -19.14 -13.27
CA LEU A 171 -30.52 -19.85 -13.36
C LEU A 171 -29.50 -19.06 -14.16
N LEU A 172 -29.93 -18.44 -15.26
CA LEU A 172 -29.00 -17.61 -16.03
C LEU A 172 -28.64 -16.33 -15.29
N GLY A 173 -29.58 -15.75 -14.54
CA GLY A 173 -29.33 -14.52 -13.83
C GLY A 173 -28.42 -14.70 -12.63
N ASN A 174 -28.88 -15.46 -11.63
CA ASN A 174 -28.10 -15.63 -10.42
C ASN A 174 -26.86 -16.48 -10.65
N GLY A 175 -26.95 -17.48 -11.53
CA GLY A 175 -25.79 -18.33 -11.78
C GLY A 175 -24.63 -17.56 -12.40
N LEU A 176 -24.93 -16.75 -13.41
CA LEU A 176 -23.89 -15.92 -14.01
C LEU A 176 -23.40 -14.86 -13.04
N ALA A 177 -24.31 -14.28 -12.26
CA ALA A 177 -23.91 -13.25 -11.29
C ALA A 177 -22.98 -13.81 -10.23
N LEU A 178 -23.26 -15.03 -9.75
CA LEU A 178 -22.43 -15.62 -8.71
C LEU A 178 -21.00 -15.84 -9.20
N TRP A 179 -20.83 -16.25 -10.46
CA TRP A 179 -19.50 -16.46 -10.99
C TRP A 179 -18.72 -15.15 -11.04
N ILE A 180 -19.39 -14.05 -11.40
CA ILE A 180 -18.71 -12.76 -11.50
C ILE A 180 -18.17 -12.34 -10.14
N PHE A 181 -18.91 -12.63 -9.07
CA PHE A 181 -18.47 -12.24 -7.73
C PHE A 181 -17.16 -12.93 -7.35
N CYS A 182 -17.02 -14.21 -7.70
CA CYS A 182 -15.89 -15.01 -7.22
C CYS A 182 -14.67 -14.91 -8.14
N PHE A 183 -14.86 -15.03 -9.45
CA PHE A 183 -13.75 -15.13 -10.38
C PHE A 183 -13.64 -13.96 -11.36
N HIS A 184 -14.49 -12.93 -11.22
CA HIS A 184 -14.39 -11.76 -12.07
C HIS A 184 -14.29 -10.46 -11.28
N LEU A 185 -14.39 -10.51 -9.96
CA LEU A 185 -14.27 -9.33 -9.12
C LEU A 185 -12.94 -9.35 -8.39
N LYS A 186 -12.22 -8.23 -8.45
CA LYS A 186 -10.90 -8.14 -7.82
C LYS A 186 -10.99 -7.70 -6.37
N SER A 187 -11.70 -6.61 -6.10
CA SER A 187 -11.81 -6.06 -4.75
C SER A 187 -13.16 -6.42 -4.15
N TRP A 188 -13.17 -6.55 -2.82
CA TRP A 188 -14.38 -6.87 -2.08
C TRP A 188 -14.52 -5.91 -0.90
N LYS A 189 -15.69 -5.30 -0.78
CA LYS A 189 -16.01 -4.40 0.33
C LYS A 189 -17.23 -4.94 1.06
N SER A 190 -17.61 -4.27 2.14
CA SER A 190 -18.73 -4.72 2.95
C SER A 190 -20.02 -4.69 2.15
N SER A 191 -20.20 -3.66 1.31
CA SER A 191 -21.42 -3.56 0.52
C SER A 191 -21.53 -4.71 -0.48
N ARG A 192 -20.42 -5.11 -1.09
CA ARG A 192 -20.45 -6.19 -2.06
C ARG A 192 -20.61 -7.55 -1.40
N ILE A 193 -20.19 -7.67 -0.14
CA ILE A 193 -20.40 -8.91 0.60
C ILE A 193 -21.89 -9.14 0.83
N PHE A 194 -22.62 -8.09 1.22
CA PHE A 194 -24.05 -8.22 1.44
C PHE A 194 -24.78 -8.53 0.14
N LEU A 195 -24.37 -7.91 -0.96
CA LEU A 195 -24.96 -8.24 -2.25
C LEU A 195 -24.64 -9.68 -2.66
N PHE A 196 -23.53 -10.22 -2.18
CA PHE A 196 -23.20 -11.61 -2.45
C PHE A 196 -24.12 -12.55 -1.67
N ASN A 197 -24.38 -12.24 -0.39
CA ASN A 197 -25.29 -13.04 0.40
C ASN A 197 -26.69 -13.04 -0.19
N LEU A 198 -27.10 -11.92 -0.80
CA LEU A 198 -28.40 -11.88 -1.47
C LEU A 198 -28.43 -12.83 -2.66
N ALA A 199 -27.34 -12.88 -3.42
CA ALA A 199 -27.28 -13.78 -4.57
C ALA A 199 -27.23 -15.23 -4.14
N VAL A 200 -26.56 -15.52 -3.02
CA VAL A 200 -26.51 -16.89 -2.52
C VAL A 200 -27.90 -17.37 -2.14
N ALA A 201 -28.64 -16.54 -1.41
CA ALA A 201 -30.01 -16.91 -1.02
C ALA A 201 -30.93 -17.01 -2.23
N ASP A 202 -30.79 -16.07 -3.17
CA ASP A 202 -31.63 -16.10 -4.37
C ASP A 202 -31.36 -17.32 -5.21
N PHE A 203 -30.08 -17.69 -5.36
CA PHE A 203 -29.74 -18.82 -6.22
C PHE A 203 -30.26 -20.13 -5.66
N LEU A 204 -30.07 -20.36 -4.36
CA LEU A 204 -30.53 -21.61 -3.75
C LEU A 204 -32.04 -21.76 -3.86
N LEU A 205 -32.77 -20.64 -3.90
CA LEU A 205 -34.22 -20.72 -4.04
C LEU A 205 -34.62 -21.08 -5.48
N ILE A 206 -33.79 -20.71 -6.46
CA ILE A 206 -34.12 -20.98 -7.85
C ILE A 206 -34.06 -22.48 -8.14
N ILE A 207 -33.05 -23.17 -7.61
CA ILE A 207 -32.90 -24.60 -7.88
C ILE A 207 -34.00 -25.43 -7.26
N CYS A 208 -34.78 -24.88 -6.32
CA CYS A 208 -35.90 -25.59 -5.74
C CYS A 208 -37.15 -25.53 -6.60
N LEU A 209 -37.18 -24.65 -7.60
CA LEU A 209 -38.36 -24.52 -8.45
C LEU A 209 -38.75 -25.80 -9.19
N PRO A 210 -37.82 -26.56 -9.79
CA PRO A 210 -38.26 -27.79 -10.47
C PRO A 210 -38.99 -28.76 -9.58
N PHE A 211 -38.64 -28.83 -8.29
CA PHE A 211 -39.40 -29.66 -7.36
C PHE A 211 -40.83 -29.14 -7.20
N LEU A 212 -40.99 -27.81 -7.14
CA LEU A 212 -42.32 -27.25 -7.13
C LEU A 212 -43.06 -27.52 -8.43
N MET A 213 -42.35 -27.40 -9.56
CA MET A 213 -42.99 -27.64 -10.86
C MET A 213 -43.45 -29.09 -10.98
N ASP A 214 -42.63 -30.03 -10.50
CA ASP A 214 -43.03 -31.43 -10.54
C ASP A 214 -44.20 -31.73 -9.60
N ASN A 215 -44.39 -30.92 -8.56
CA ASN A 215 -45.52 -31.13 -7.67
C ASN A 215 -46.82 -30.64 -8.29
N TYR A 216 -46.77 -29.58 -9.10
CA TYR A 216 -47.98 -28.99 -9.65
C TYR A 216 -48.45 -29.67 -10.93
N VAL A 217 -47.54 -30.24 -11.73
CA VAL A 217 -47.96 -30.98 -12.91
C VAL A 217 -48.73 -32.25 -12.54
N ARG A 218 -48.54 -32.74 -11.31
CA ARG A 218 -49.26 -33.91 -10.83
C ARG A 218 -50.48 -33.53 -10.00
N ARG A 219 -50.82 -32.25 -9.94
CA ARG A 219 -52.01 -31.76 -9.23
C ARG A 219 -51.97 -32.15 -7.76
N TRP A 220 -50.94 -31.62 -7.09
CA TRP A 220 -50.73 -31.83 -5.65
C TRP A 220 -50.57 -33.32 -5.33
N ASP A 221 -49.64 -33.95 -6.06
CA ASP A 221 -49.30 -35.37 -5.85
C ASP A 221 -47.79 -35.43 -5.70
N TRP A 222 -47.34 -35.55 -4.46
CA TRP A 222 -45.91 -35.57 -4.14
C TRP A 222 -45.43 -37.01 -4.06
N LYS A 223 -44.50 -37.38 -4.95
CA LYS A 223 -43.98 -38.74 -5.04
C LYS A 223 -42.45 -38.72 -5.05
N PHE A 224 -41.86 -37.98 -4.11
CA PHE A 224 -40.41 -38.00 -3.91
C PHE A 224 -39.99 -38.53 -2.55
N GLY A 225 -40.91 -38.65 -1.60
CA GLY A 225 -40.63 -39.21 -0.30
C GLY A 225 -41.17 -38.32 0.80
N ASP A 226 -40.70 -38.55 2.01
CA ASP A 226 -41.09 -37.76 3.17
C ASP A 226 -40.00 -36.79 3.62
N ILE A 227 -38.79 -37.26 3.85
CA ILE A 227 -37.67 -36.42 4.26
C ILE A 227 -37.40 -35.36 3.18
N PRO A 228 -37.34 -35.70 1.89
CA PRO A 228 -37.18 -34.64 0.88
C PRO A 228 -38.30 -33.61 0.91
N CYS A 229 -39.52 -34.02 1.28
CA CYS A 229 -40.62 -33.06 1.39
C CYS A 229 -40.35 -32.04 2.49
N ARG A 230 -39.86 -32.50 3.64
CA ARG A 230 -39.58 -31.57 4.73
C ARG A 230 -38.41 -30.66 4.40
N LEU A 231 -37.46 -31.14 3.59
CA LEU A 231 -36.27 -30.34 3.29
C LEU A 231 -36.58 -29.16 2.40
N MET A 232 -37.42 -29.35 1.37
CA MET A 232 -37.73 -28.24 0.48
C MET A 232 -38.50 -27.14 1.20
N LEU A 233 -39.47 -27.50 2.03
CA LEU A 233 -40.18 -26.50 2.82
C LEU A 233 -39.22 -25.69 3.68
N PHE A 234 -38.12 -26.30 4.11
CA PHE A 234 -37.06 -25.53 4.75
C PHE A 234 -36.29 -24.71 3.72
N MET A 235 -36.04 -25.28 2.55
CA MET A 235 -35.26 -24.59 1.52
C MET A 235 -36.06 -23.54 0.77
N LEU A 236 -37.35 -23.40 1.04
CA LEU A 236 -38.17 -22.35 0.44
C LEU A 236 -38.51 -21.23 1.41
N ALA A 237 -38.96 -21.57 2.62
CA ALA A 237 -39.29 -20.54 3.60
C ALA A 237 -38.05 -19.84 4.13
N MET A 238 -36.98 -20.59 4.39
CA MET A 238 -35.75 -19.96 4.88
C MET A 238 -35.07 -19.17 3.77
N ASN A 239 -35.09 -19.69 2.54
CA ASN A 239 -34.50 -18.99 1.41
C ASN A 239 -35.25 -17.72 1.04
N ARG A 240 -36.56 -17.66 1.32
CA ARG A 240 -37.32 -16.48 0.99
C ARG A 240 -37.01 -15.32 1.92
N GLN A 241 -36.75 -15.61 3.20
CA GLN A 241 -36.22 -14.57 4.08
C GLN A 241 -34.80 -14.19 3.71
N GLY A 242 -33.99 -15.15 3.27
CA GLY A 242 -32.62 -14.85 2.93
C GLY A 242 -32.51 -13.81 1.84
N SER A 243 -33.40 -13.86 0.86
CA SER A 243 -33.46 -12.80 -0.14
C SER A 243 -34.01 -11.52 0.47
N ILE A 244 -35.06 -11.62 1.28
CA ILE A 244 -35.68 -10.43 1.86
C ILE A 244 -34.77 -9.79 2.89
N ILE A 245 -34.09 -10.61 3.71
CA ILE A 245 -33.20 -10.05 4.72
C ILE A 245 -32.01 -9.35 4.08
N PHE A 246 -31.41 -9.96 3.07
CA PHE A 246 -30.28 -9.31 2.40
C PHE A 246 -30.72 -8.46 1.23
N LEU A 247 -31.79 -7.68 1.41
CA LEU A 247 -32.04 -6.48 0.63
C LEU A 247 -32.54 -5.33 1.50
N THR A 248 -33.12 -5.61 2.66
CA THR A 248 -33.26 -4.58 3.69
C THR A 248 -31.90 -4.18 4.24
N VAL A 249 -30.97 -5.13 4.35
CA VAL A 249 -29.61 -4.81 4.75
C VAL A 249 -28.94 -3.94 3.70
N VAL A 250 -29.12 -4.28 2.42
CA VAL A 250 -28.57 -3.48 1.34
C VAL A 250 -29.21 -2.11 1.31
N ALA A 251 -30.53 -2.04 1.51
CA ALA A 251 -31.22 -0.76 1.54
C ALA A 251 -30.73 0.10 2.70
N VAL A 252 -30.55 -0.50 3.87
CA VAL A 252 -30.03 0.25 5.01
C VAL A 252 -28.58 0.63 4.79
N ASP A 253 -27.82 -0.26 4.14
CA ASP A 253 -26.43 0.05 3.84
C ASP A 253 -26.30 1.30 2.98
N ARG A 254 -27.17 1.44 1.98
CA ARG A 254 -27.16 2.62 1.14
C ARG A 254 -27.68 3.85 1.88
N TYR A 255 -28.57 3.65 2.86
CA TYR A 255 -29.09 4.78 3.61
C TYR A 255 -28.00 5.47 4.41
N PHE A 256 -27.09 4.70 4.97
CA PHE A 256 -25.98 5.27 5.75
C PHE A 256 -24.89 5.84 4.87
N ARG A 257 -24.89 5.55 3.58
CA ARG A 257 -23.87 6.07 2.67
C ARG A 257 -24.26 7.39 2.04
N VAL A 258 -25.51 7.83 2.20
CA VAL A 258 -26.00 9.09 1.65
C VAL A 258 -26.43 10.04 2.76
N VAL A 259 -27.19 9.54 3.73
CA VAL A 259 -27.76 10.40 4.75
C VAL A 259 -26.79 10.63 5.90
N HIS A 260 -25.90 9.68 6.16
CA HIS A 260 -24.87 9.80 7.19
C HIS A 260 -23.53 9.40 6.60
N PRO A 261 -23.01 10.18 5.64
CA PRO A 261 -21.79 9.75 4.94
C PRO A 261 -20.56 9.69 5.82
N HIS A 262 -20.57 10.35 6.98
CA HIS A 262 -19.43 10.37 7.88
C HIS A 262 -19.58 9.39 9.03
N HIS A 263 -20.62 8.57 9.03
CA HIS A 263 -20.82 7.58 10.08
C HIS A 263 -19.75 6.51 10.00
N ALA A 264 -19.45 5.90 11.15
CA ALA A 264 -18.44 4.86 11.21
C ALA A 264 -18.89 3.56 10.58
N LEU A 265 -20.20 3.35 10.46
CA LEU A 265 -20.72 2.11 9.89
C LEU A 265 -20.37 1.97 8.41
N ASN A 266 -20.06 3.07 7.74
CA ASN A 266 -19.68 3.03 6.34
C ASN A 266 -18.30 2.41 6.12
N LYS A 267 -17.51 2.25 7.17
CA LYS A 267 -16.14 1.77 7.04
C LYS A 267 -15.91 0.48 7.82
N ILE A 268 -16.94 -0.37 7.93
CA ILE A 268 -16.77 -1.66 8.59
C ILE A 268 -15.92 -2.58 7.73
N SER A 269 -15.13 -3.42 8.39
CA SER A 269 -14.17 -4.26 7.70
C SER A 269 -14.88 -5.42 6.98
N ASN A 270 -14.14 -6.05 6.06
CA ASN A 270 -14.68 -7.21 5.36
C ASN A 270 -14.92 -8.37 6.30
N ARG A 271 -14.22 -8.43 7.43
CA ARG A 271 -14.49 -9.47 8.42
C ARG A 271 -15.74 -9.15 9.22
N THR A 272 -15.96 -7.86 9.52
CA THR A 272 -17.19 -7.48 10.21
C THR A 272 -18.41 -7.74 9.35
N ALA A 273 -18.30 -7.50 8.04
CA ALA A 273 -19.41 -7.80 7.14
C ALA A 273 -19.71 -9.30 7.11
N ALA A 274 -18.67 -10.12 7.05
CA ALA A 274 -18.87 -11.57 7.00
C ALA A 274 -19.47 -12.11 8.29
N ILE A 275 -19.13 -11.49 9.43
CA ILE A 275 -19.71 -11.92 10.69
C ILE A 275 -21.20 -11.61 10.72
N ILE A 276 -21.59 -10.41 10.29
CA ILE A 276 -23.01 -10.04 10.32
C ILE A 276 -23.82 -10.91 9.38
N SER A 277 -23.25 -11.24 8.21
CA SER A 277 -23.94 -12.15 7.29
C SER A 277 -24.17 -13.51 7.92
N CYS A 278 -23.30 -13.92 8.86
CA CYS A 278 -23.51 -15.18 9.55
C CYS A 278 -24.65 -15.09 10.56
N LEU A 279 -24.70 -13.99 11.32
CA LEU A 279 -25.78 -13.82 12.29
C LEU A 279 -27.13 -13.66 11.59
N LEU A 280 -27.14 -12.95 10.45
CA LEU A 280 -28.39 -12.81 9.70
C LEU A 280 -28.82 -14.13 9.07
N TRP A 281 -27.87 -14.95 8.64
CA TRP A 281 -28.21 -16.29 8.19
C TRP A 281 -28.69 -17.15 9.34
N GLY A 282 -28.14 -16.95 10.53
CA GLY A 282 -28.56 -17.74 11.67
C GLY A 282 -30.00 -17.45 12.09
N ILE A 283 -30.37 -16.17 12.15
CA ILE A 283 -31.74 -15.83 12.49
C ILE A 283 -32.68 -16.26 11.37
N THR A 284 -32.19 -16.25 10.13
CA THR A 284 -32.97 -16.83 9.03
C THR A 284 -33.23 -18.30 9.25
N ILE A 285 -32.20 -19.05 9.64
CA ILE A 285 -32.34 -20.49 9.85
C ILE A 285 -33.19 -20.76 11.09
N GLY A 286 -32.95 -20.03 12.17
CA GLY A 286 -33.65 -20.29 13.41
C GLY A 286 -35.15 -20.06 13.34
N LEU A 287 -35.61 -19.26 12.38
CA LEU A 287 -37.03 -18.99 12.22
C LEU A 287 -37.72 -19.97 11.29
N THR A 288 -37.02 -20.97 10.78
CA THR A 288 -37.61 -21.95 9.88
C THR A 288 -37.19 -23.39 10.16
N VAL A 289 -36.49 -23.65 11.26
CA VAL A 289 -36.11 -25.02 11.58
C VAL A 289 -37.34 -25.87 11.91
N HIS A 290 -38.36 -25.28 12.54
CA HIS A 290 -39.52 -26.04 12.95
C HIS A 290 -40.29 -26.62 11.77
N LEU A 291 -40.04 -26.14 10.55
CA LEU A 291 -40.68 -26.74 9.39
C LEU A 291 -40.19 -28.17 9.17
N LEU A 292 -38.91 -28.43 9.43
CA LEU A 292 -38.40 -29.79 9.31
C LEU A 292 -39.03 -30.70 10.35
N LYS A 293 -39.20 -30.21 11.58
CA LYS A 293 -39.81 -31.01 12.65
C LYS A 293 -41.28 -31.31 12.37
N LYS A 294 -41.94 -30.50 11.56
CA LYS A 294 -43.35 -30.72 11.23
C LYS A 294 -43.46 -31.90 10.27
N LYS A 295 -44.03 -33.00 10.73
CA LYS A 295 -44.26 -34.17 9.89
C LYS A 295 -45.37 -33.82 8.91
N MET A 296 -45.02 -33.47 7.68
CA MET A 296 -45.99 -33.02 6.67
C MET A 296 -45.86 -33.79 5.36
N PRO A 297 -45.81 -35.15 5.39
CA PRO A 297 -46.12 -35.89 4.17
C PRO A 297 -47.58 -36.32 4.16
N ILE A 298 -48.50 -35.37 4.32
CA ILE A 298 -49.90 -35.71 4.59
C ILE A 298 -50.51 -36.38 3.36
N GLN A 299 -51.21 -37.47 3.58
CA GLN A 299 -51.91 -38.18 2.51
C GLN A 299 -53.26 -37.53 2.27
N ASN A 300 -53.58 -37.27 1.00
CA ASN A 300 -54.84 -36.65 0.61
C ASN A 300 -55.52 -37.55 -0.42
N GLY A 301 -56.45 -38.39 0.04
CA GLY A 301 -57.16 -39.29 -0.84
C GLY A 301 -56.24 -40.26 -1.54
N GLY A 302 -56.06 -40.08 -2.85
CA GLY A 302 -55.16 -40.92 -3.62
C GLY A 302 -53.86 -40.23 -3.97
N ALA A 303 -53.56 -39.12 -3.30
CA ALA A 303 -52.37 -38.33 -3.61
C ALA A 303 -51.71 -37.85 -2.33
N ASN A 304 -50.38 -37.87 -2.32
CA ASN A 304 -49.59 -37.32 -1.23
C ASN A 304 -49.35 -35.84 -1.47
N LEU A 305 -49.66 -35.01 -0.47
CA LEU A 305 -49.64 -33.57 -0.60
C LEU A 305 -48.68 -32.96 0.41
N CYS A 306 -47.81 -32.07 -0.07
CA CYS A 306 -46.87 -31.35 0.78
C CYS A 306 -47.10 -29.86 0.62
N SER A 307 -47.35 -29.18 1.73
CA SER A 307 -47.59 -27.74 1.70
C SER A 307 -47.57 -27.20 3.11
N SER A 308 -46.91 -26.05 3.28
CA SER A 308 -46.95 -25.31 4.54
C SER A 308 -48.02 -24.25 4.54
N PHE A 309 -48.75 -24.09 3.45
CA PHE A 309 -49.80 -23.06 3.32
C PHE A 309 -51.13 -23.79 3.18
N SER A 310 -51.87 -23.89 4.29
CA SER A 310 -53.16 -24.56 4.31
C SER A 310 -54.19 -23.62 4.92
N ILE A 311 -55.40 -23.61 4.34
CA ILE A 311 -56.47 -22.71 4.75
C ILE A 311 -57.26 -23.40 5.86
N CYS A 312 -57.04 -22.97 7.09
CA CYS A 312 -57.86 -23.45 8.20
C CYS A 312 -57.73 -22.55 9.42
N HIS A 313 -58.76 -22.62 10.26
CA HIS A 313 -58.92 -21.73 11.42
C HIS A 313 -57.96 -22.17 12.52
N THR A 314 -56.72 -21.68 12.41
CA THR A 314 -55.71 -21.91 13.44
C THR A 314 -54.64 -20.83 13.29
N PHE A 315 -54.14 -20.35 14.42
CA PHE A 315 -53.03 -19.42 14.40
C PHE A 315 -51.73 -20.20 14.24
N GLN A 316 -50.99 -19.91 13.18
CA GLN A 316 -49.72 -20.55 12.90
C GLN A 316 -48.65 -19.49 12.81
N TRP A 317 -47.50 -19.76 13.44
CA TRP A 317 -46.39 -18.83 13.34
C TRP A 317 -45.95 -18.67 11.89
N HIS A 318 -46.01 -19.75 11.11
CA HIS A 318 -45.64 -19.69 9.71
C HIS A 318 -46.57 -18.80 8.91
N GLU A 319 -47.84 -18.67 9.33
CA GLU A 319 -48.73 -17.73 8.67
C GLU A 319 -48.39 -16.29 9.04
N ALA A 320 -48.14 -16.02 10.32
CA ALA A 320 -47.66 -14.71 10.72
C ALA A 320 -46.23 -14.46 10.25
N MET A 321 -45.49 -15.54 9.94
CA MET A 321 -44.20 -15.44 9.28
C MET A 321 -44.34 -14.76 7.92
N PHE A 322 -45.38 -15.14 7.17
CA PHE A 322 -45.58 -14.60 5.83
C PHE A 322 -45.87 -13.12 5.86
N LEU A 323 -46.64 -12.66 6.85
CA LEU A 323 -46.99 -11.26 6.94
C LEU A 323 -45.78 -10.41 7.32
N LEU A 324 -45.02 -10.85 8.32
CA LEU A 324 -43.85 -10.09 8.76
C LEU A 324 -42.73 -10.08 7.74
N GLU A 325 -42.73 -11.03 6.80
CA GLU A 325 -41.76 -11.01 5.72
C GLU A 325 -41.91 -9.82 4.80
N PHE A 326 -43.07 -9.15 4.85
CA PHE A 326 -43.38 -8.07 3.92
C PHE A 326 -43.58 -6.73 4.63
N PHE A 327 -44.39 -6.70 5.69
CA PHE A 327 -44.76 -5.43 6.31
C PHE A 327 -43.57 -4.75 6.97
N LEU A 328 -42.83 -5.50 7.79
CA LEU A 328 -41.69 -4.90 8.48
C LEU A 328 -40.60 -4.45 7.53
N PRO A 329 -40.15 -5.24 6.53
CA PRO A 329 -39.20 -4.68 5.55
C PRO A 329 -39.75 -3.51 4.77
N LEU A 330 -41.05 -3.46 4.50
CA LEU A 330 -41.61 -2.33 3.76
C LEU A 330 -41.47 -1.04 4.54
N GLY A 331 -41.59 -1.11 5.87
CA GLY A 331 -41.36 0.06 6.69
C GLY A 331 -39.91 0.50 6.75
N ILE A 332 -39.00 -0.28 6.18
CA ILE A 332 -37.59 0.07 6.13
C ILE A 332 -37.14 0.37 4.71
N ILE A 333 -37.56 -0.43 3.73
CA ILE A 333 -37.15 -0.21 2.35
C ILE A 333 -37.75 1.09 1.82
N LEU A 334 -39.04 1.31 2.07
CA LEU A 334 -39.69 2.53 1.60
C LEU A 334 -39.15 3.76 2.32
N PHE A 335 -38.89 3.64 3.63
CA PHE A 335 -38.34 4.76 4.37
C PHE A 335 -36.92 5.08 3.91
N CYS A 336 -36.08 4.07 3.79
CA CYS A 336 -34.69 4.30 3.38
C CYS A 336 -34.62 4.85 1.96
N SER A 337 -35.47 4.35 1.06
CA SER A 337 -35.46 4.85 -0.31
C SER A 337 -35.99 6.27 -0.40
N ALA A 338 -36.89 6.65 0.50
CA ALA A 338 -37.43 8.01 0.47
C ALA A 338 -36.40 9.02 0.98
N ARG A 339 -35.66 8.67 2.02
CA ARG A 339 -34.67 9.60 2.58
C ARG A 339 -33.45 9.71 1.69
N ILE A 340 -33.08 8.65 0.99
CA ILE A 340 -31.95 8.73 0.05
C ILE A 340 -32.27 9.72 -1.06
N ILE A 341 -33.48 9.64 -1.62
CA ILE A 341 -33.87 10.50 -2.73
C ILE A 341 -34.06 11.93 -2.25
N TRP A 342 -34.65 12.11 -1.07
CA TRP A 342 -34.85 13.45 -0.54
C TRP A 342 -33.53 14.14 -0.23
N SER A 343 -32.58 13.40 0.36
CA SER A 343 -31.29 13.99 0.69
C SER A 343 -30.50 14.34 -0.55
N LEU A 344 -30.53 13.47 -1.57
CA LEU A 344 -29.86 13.78 -2.83
C LEU A 344 -30.53 14.92 -3.58
N ARG A 345 -31.72 15.34 -3.16
CA ARG A 345 -32.39 16.49 -3.75
C ARG A 345 -32.31 17.74 -2.88
N GLN A 346 -32.26 17.60 -1.56
CA GLN A 346 -32.06 18.77 -0.70
C GLN A 346 -30.71 19.42 -1.00
N ARG A 347 -29.65 18.62 -1.06
CA ARG A 347 -28.44 19.05 -1.75
C ARG A 347 -28.70 18.99 -3.25
N GLN A 348 -28.09 19.91 -3.99
CA GLN A 348 -28.31 19.94 -5.42
C GLN A 348 -27.44 18.91 -6.13
N MET A 349 -27.48 17.67 -5.66
CA MET A 349 -26.71 16.59 -6.28
C MET A 349 -27.44 15.90 -7.42
N ASP A 350 -28.75 16.13 -7.55
CA ASP A 350 -29.53 15.47 -8.59
C ASP A 350 -29.19 15.95 -9.99
N ARG A 351 -28.49 17.07 -10.14
CA ARG A 351 -28.13 17.57 -11.46
C ARG A 351 -27.17 16.63 -12.18
N HIS A 352 -26.31 15.94 -11.43
CA HIS A 352 -25.39 14.99 -12.03
C HIS A 352 -26.17 13.87 -12.72
N ALA A 353 -25.76 13.55 -13.95
CA ALA A 353 -26.47 12.54 -14.71
C ALA A 353 -26.31 11.16 -14.09
N LYS A 354 -25.11 10.84 -13.61
CA LYS A 354 -24.87 9.51 -13.03
C LYS A 354 -25.53 9.36 -11.66
N ILE A 355 -25.67 10.46 -10.92
CA ILE A 355 -26.39 10.39 -9.65
C ILE A 355 -27.88 10.20 -9.90
N LYS A 356 -28.44 10.90 -10.89
CA LYS A 356 -29.85 10.75 -11.20
C LYS A 356 -30.16 9.37 -11.79
N ARG A 357 -29.17 8.71 -12.37
CA ARG A 357 -29.36 7.32 -12.77
C ARG A 357 -29.48 6.41 -11.55
N ALA A 358 -28.66 6.66 -10.52
CA ALA A 358 -28.74 5.88 -9.29
C ALA A 358 -29.97 6.21 -8.47
N ILE A 359 -30.61 7.36 -8.70
CA ILE A 359 -31.84 7.69 -7.99
C ILE A 359 -32.97 6.79 -8.47
N THR A 360 -33.05 6.55 -9.78
CA THR A 360 -34.11 5.69 -10.31
C THR A 360 -33.99 4.27 -9.77
N PHE A 361 -32.78 3.73 -9.74
CA PHE A 361 -32.59 2.36 -9.26
C PHE A 361 -32.90 2.23 -7.78
N ILE A 362 -32.86 3.32 -7.02
CA ILE A 362 -33.40 3.30 -5.67
C ILE A 362 -34.91 3.12 -5.71
N MET A 363 -35.58 3.80 -6.64
CA MET A 363 -37.02 3.65 -6.79
C MET A 363 -37.40 2.28 -7.32
N VAL A 364 -36.59 1.74 -8.23
CA VAL A 364 -36.95 0.48 -8.89
C VAL A 364 -36.98 -0.67 -7.89
N VAL A 365 -35.97 -0.75 -7.02
CA VAL A 365 -35.92 -1.86 -6.07
C VAL A 365 -37.08 -1.79 -5.08
N ALA A 366 -37.59 -0.60 -4.79
CA ALA A 366 -38.74 -0.47 -3.91
C ALA A 366 -40.05 -0.78 -4.63
N ILE A 367 -40.04 -0.82 -5.95
CA ILE A 367 -41.24 -1.12 -6.72
C ILE A 367 -41.31 -2.60 -7.07
N VAL A 368 -40.17 -3.19 -7.44
CA VAL A 368 -40.13 -4.63 -7.73
C VAL A 368 -40.47 -5.42 -6.48
N PHE A 369 -40.01 -4.95 -5.31
CA PHE A 369 -40.34 -5.63 -4.06
C PHE A 369 -41.84 -5.61 -3.81
N VAL A 370 -42.49 -4.47 -4.05
CA VAL A 370 -43.93 -4.38 -3.82
C VAL A 370 -44.70 -5.20 -4.86
N ILE A 371 -44.26 -5.14 -6.12
CA ILE A 371 -44.93 -5.87 -7.18
C ILE A 371 -44.89 -7.37 -6.94
N CYS A 372 -43.73 -7.88 -6.52
CA CYS A 372 -43.54 -9.31 -6.39
C CYS A 372 -44.05 -9.89 -5.08
N PHE A 373 -44.37 -9.07 -4.09
CA PHE A 373 -44.77 -9.57 -2.79
C PHE A 373 -46.15 -9.14 -2.35
N LEU A 374 -46.67 -8.02 -2.84
CA LEU A 374 -48.01 -7.59 -2.45
C LEU A 374 -49.12 -8.55 -2.86
N PRO A 375 -49.16 -9.07 -4.09
CA PRO A 375 -50.31 -9.92 -4.46
C PRO A 375 -50.51 -11.12 -3.56
N SER A 376 -49.42 -11.75 -3.10
CA SER A 376 -49.58 -12.90 -2.20
C SER A 376 -50.06 -12.47 -0.83
N VAL A 377 -49.57 -11.32 -0.34
CA VAL A 377 -49.90 -10.89 1.01
C VAL A 377 -51.37 -10.47 1.11
N VAL A 378 -51.88 -9.76 0.10
CA VAL A 378 -53.26 -9.30 0.17
C VAL A 378 -54.23 -10.47 0.09
N VAL A 379 -53.91 -11.48 -0.74
CA VAL A 379 -54.78 -12.65 -0.85
C VAL A 379 -54.82 -13.40 0.47
N ARG A 380 -53.67 -13.56 1.12
CA ARG A 380 -53.63 -14.29 2.39
C ARG A 380 -54.39 -13.55 3.48
N ILE A 381 -54.40 -12.22 3.45
CA ILE A 381 -55.15 -11.47 4.46
C ILE A 381 -56.65 -11.67 4.26
N ARG A 382 -57.10 -11.72 3.01
CA ARG A 382 -58.51 -12.00 2.72
C ARG A 382 -58.90 -13.36 3.26
N ILE A 383 -58.01 -14.35 3.13
CA ILE A 383 -58.27 -15.67 3.68
C ILE A 383 -58.45 -15.59 5.20
N PHE A 384 -57.59 -14.83 5.87
CA PHE A 384 -57.74 -14.65 7.31
C PHE A 384 -59.06 -13.96 7.63
N TRP A 385 -59.48 -13.01 6.80
CA TRP A 385 -60.76 -12.35 7.01
C TRP A 385 -61.91 -13.33 6.83
N LEU A 386 -61.82 -14.22 5.85
CA LEU A 386 -62.89 -15.19 5.61
C LEU A 386 -63.04 -16.15 6.79
N LEU A 387 -61.92 -16.59 7.35
CA LEU A 387 -61.99 -17.52 8.48
C LEU A 387 -62.67 -16.88 9.68
N HIS A 388 -62.37 -15.61 9.95
CA HIS A 388 -62.91 -14.95 11.13
C HIS A 388 -64.40 -14.63 10.98
N THR A 389 -64.87 -14.42 9.75
CA THR A 389 -66.25 -13.99 9.54
C THR A 389 -67.17 -15.12 9.08
N SER A 390 -66.63 -16.18 8.46
CA SER A 390 -67.44 -17.28 7.97
C SER A 390 -67.13 -18.59 8.68
N GLY A 391 -65.87 -18.95 8.79
CA GLY A 391 -65.47 -20.18 9.47
C GLY A 391 -65.19 -21.31 8.50
N THR A 392 -64.76 -22.42 9.08
CA THR A 392 -64.36 -23.60 8.33
C THR A 392 -65.52 -24.58 8.13
N GLN A 393 -66.73 -24.21 8.53
CA GLN A 393 -67.86 -25.12 8.43
C GLN A 393 -68.17 -25.49 6.98
N ASN A 394 -67.83 -24.63 6.03
CA ASN A 394 -68.09 -24.87 4.62
C ASN A 394 -66.83 -24.52 3.82
N CYS A 395 -66.10 -25.54 3.39
CA CYS A 395 -64.90 -25.35 2.58
C CYS A 395 -65.25 -25.30 1.09
N GLU A 396 -66.11 -24.34 0.75
CA GLU A 396 -66.50 -24.11 -0.64
C GLU A 396 -66.29 -22.64 -1.00
N VAL A 397 -66.40 -21.76 0.00
CA VAL A 397 -66.14 -20.34 -0.22
C VAL A 397 -64.68 -20.05 -0.46
N TYR A 398 -63.80 -21.01 -0.18
CA TYR A 398 -62.36 -20.85 -0.40
C TYR A 398 -61.91 -21.40 -1.74
N ARG A 399 -62.84 -21.72 -2.64
CA ARG A 399 -62.46 -22.28 -3.93
C ARG A 399 -61.63 -21.31 -4.75
N SER A 400 -62.02 -20.04 -4.76
CA SER A 400 -61.35 -19.06 -5.62
C SER A 400 -60.05 -18.55 -5.00
N VAL A 401 -60.06 -18.25 -3.70
CA VAL A 401 -58.88 -17.67 -3.07
C VAL A 401 -57.75 -18.69 -3.04
N ASP A 402 -58.06 -19.97 -2.85
CA ASP A 402 -57.03 -20.99 -2.84
C ASP A 402 -56.33 -21.08 -4.19
N LEU A 403 -57.09 -21.04 -5.28
CA LEU A 403 -56.50 -21.06 -6.61
C LEU A 403 -55.67 -19.81 -6.86
N ALA A 404 -56.17 -18.65 -6.44
CA ALA A 404 -55.46 -17.40 -6.69
C ALA A 404 -54.19 -17.31 -5.87
N PHE A 405 -54.22 -17.77 -4.61
CA PHE A 405 -53.08 -17.59 -3.72
C PHE A 405 -51.83 -18.28 -4.25
N PHE A 406 -51.98 -19.50 -4.75
CA PHE A 406 -50.81 -20.20 -5.28
C PHE A 406 -50.40 -19.65 -6.65
N ILE A 407 -51.30 -18.96 -7.34
CA ILE A 407 -50.90 -18.23 -8.53
C ILE A 407 -50.09 -17.00 -8.14
N THR A 408 -50.53 -16.28 -7.12
CA THR A 408 -49.77 -15.12 -6.64
C THR A 408 -48.48 -15.56 -5.95
N LEU A 409 -48.50 -16.69 -5.25
CA LEU A 409 -47.30 -17.19 -4.59
C LEU A 409 -46.19 -17.51 -5.58
N SER A 410 -46.53 -17.82 -6.83
CA SER A 410 -45.52 -18.01 -7.87
C SER A 410 -44.88 -16.71 -8.31
N PHE A 411 -45.41 -15.56 -7.89
CA PHE A 411 -44.82 -14.27 -8.20
C PHE A 411 -43.80 -13.83 -7.16
N THR A 412 -43.78 -14.44 -5.99
CA THR A 412 -42.74 -14.12 -5.01
C THR A 412 -41.38 -14.62 -5.44
N TYR A 413 -41.31 -15.48 -6.47
CA TYR A 413 -40.06 -15.88 -7.07
C TYR A 413 -39.72 -15.07 -8.31
N MET A 414 -40.64 -14.20 -8.75
CA MET A 414 -40.33 -13.22 -9.79
C MET A 414 -39.21 -12.30 -9.33
N ASN A 415 -39.22 -11.95 -8.04
CA ASN A 415 -38.18 -11.09 -7.48
C ASN A 415 -36.81 -11.74 -7.50
N SER A 416 -36.74 -13.04 -7.23
CA SER A 416 -35.44 -13.70 -7.08
C SER A 416 -34.65 -13.70 -8.39
N MET A 417 -35.34 -13.67 -9.53
CA MET A 417 -34.65 -13.64 -10.81
C MET A 417 -34.49 -12.23 -11.38
N LEU A 418 -35.31 -11.28 -10.94
CA LEU A 418 -35.14 -9.89 -11.35
C LEU A 418 -34.01 -9.20 -10.59
N ASP A 419 -33.62 -9.74 -9.44
CA ASP A 419 -32.56 -9.11 -8.65
C ASP A 419 -31.23 -9.02 -9.39
N PRO A 420 -30.73 -10.07 -10.06
CA PRO A 420 -29.45 -9.90 -10.76
C PRO A 420 -29.47 -8.81 -11.81
N VAL A 421 -30.58 -8.63 -12.51
CA VAL A 421 -30.68 -7.56 -13.50
C VAL A 421 -30.70 -6.21 -12.81
N VAL A 422 -31.35 -6.12 -11.66
CA VAL A 422 -31.58 -4.84 -10.99
C VAL A 422 -30.44 -4.49 -10.03
N TYR A 423 -29.92 -5.48 -9.30
CA TYR A 423 -28.95 -5.19 -8.25
C TYR A 423 -27.50 -5.27 -8.71
N TYR A 424 -27.17 -6.25 -9.57
CA TYR A 424 -25.79 -6.46 -9.98
C TYR A 424 -25.53 -6.00 -11.41
N PHE A 425 -26.35 -6.43 -12.37
CA PHE A 425 -26.09 -6.11 -13.77
C PHE A 425 -26.36 -4.65 -14.09
N SER A 426 -27.14 -3.95 -13.27
CA SER A 426 -27.43 -2.54 -13.48
C SER A 426 -26.50 -1.64 -12.67
N SER A 427 -25.28 -2.10 -12.39
CA SER A 427 -24.32 -1.33 -11.64
C SER A 427 -23.13 -0.97 -12.51
N PRO A 428 -22.68 0.29 -12.46
CA PRO A 428 -21.50 0.68 -13.27
C PRO A 428 -20.26 -0.12 -12.96
N SER A 429 -20.07 -0.56 -11.72
CA SER A 429 -18.91 -1.35 -11.35
C SER A 429 -18.99 -2.75 -11.94
N SER B 6 16.71 -21.14 13.80
CA SER B 6 15.32 -20.75 13.64
C SER B 6 14.78 -20.10 14.91
N ALA B 7 15.53 -20.21 16.01
CA ALA B 7 15.16 -19.48 17.21
C ALA B 7 15.28 -17.98 16.99
N GLU B 8 16.32 -17.56 16.28
CA GLU B 8 16.45 -16.17 15.87
C GLU B 8 15.54 -15.84 14.69
N ASP B 9 15.32 -16.81 13.79
CA ASP B 9 14.38 -16.60 12.69
C ASP B 9 12.97 -16.39 13.18
N LYS B 10 12.54 -17.15 14.19
CA LYS B 10 11.19 -17.00 14.71
C LYS B 10 11.00 -15.68 15.43
N ALA B 11 12.04 -15.19 16.11
CA ALA B 11 11.94 -13.90 16.78
C ALA B 11 11.98 -12.74 15.80
N ALA B 12 12.56 -12.93 14.61
CA ALA B 12 12.50 -11.92 13.57
C ALA B 12 11.14 -11.88 12.90
N VAL B 13 10.47 -13.02 12.78
CA VAL B 13 9.16 -13.05 12.13
C VAL B 13 8.13 -12.32 12.98
N GLU B 14 8.21 -12.45 14.30
CA GLU B 14 7.27 -11.75 15.16
C GLU B 14 7.64 -10.28 15.36
N ARG B 15 8.86 -9.88 15.00
CA ARG B 15 9.15 -8.46 14.91
C ARG B 15 8.49 -7.84 13.69
N SER B 16 8.53 -8.53 12.55
CA SER B 16 7.87 -8.04 11.35
C SER B 16 6.37 -7.95 11.53
N LYS B 17 5.78 -8.95 12.18
CA LYS B 17 4.34 -8.93 12.45
C LYS B 17 3.97 -7.80 13.39
N MET B 18 4.87 -7.41 14.30
CA MET B 18 4.62 -6.24 15.13
C MET B 18 4.74 -4.96 14.30
N ILE B 19 5.59 -4.96 13.28
CA ILE B 19 5.64 -3.84 12.35
C ILE B 19 4.40 -3.80 11.48
N ASP B 20 3.90 -4.97 11.09
CA ASP B 20 2.70 -5.07 10.26
C ASP B 20 1.51 -4.36 10.89
N ARG B 21 1.29 -4.56 12.19
CA ARG B 21 0.10 -4.00 12.82
C ARG B 21 0.21 -2.50 13.04
N ASN B 22 1.42 -1.98 13.23
CA ASN B 22 1.58 -0.54 13.32
C ASN B 22 1.39 0.14 11.97
N LEU B 23 1.78 -0.52 10.87
CA LEU B 23 1.50 0.01 9.55
C LEU B 23 0.00 0.05 9.28
N ARG B 24 -0.72 -0.99 9.68
CA ARG B 24 -2.17 -1.00 9.51
C ARG B 24 -2.85 -0.01 10.45
N GLU B 25 -2.30 0.19 11.64
CA GLU B 25 -2.87 1.18 12.55
C GLU B 25 -2.74 2.59 11.96
N ASP B 26 -1.58 2.91 11.39
CA ASP B 26 -1.38 4.22 10.83
C ASP B 26 -2.21 4.46 9.57
N GLY B 27 -2.41 3.41 8.77
CA GLY B 27 -3.25 3.54 7.60
C GLY B 27 -4.70 3.81 7.95
N GLU B 28 -5.18 3.22 9.05
CA GLU B 28 -6.54 3.51 9.51
C GLU B 28 -6.68 4.97 9.89
N LYS B 29 -5.69 5.51 10.61
CA LYS B 29 -5.73 6.92 10.99
C LYS B 29 -5.61 7.83 9.77
N ALA B 30 -4.77 7.46 8.80
CA ALA B 30 -4.57 8.30 7.63
C ALA B 30 -5.84 8.40 6.79
N ALA B 31 -6.58 7.30 6.65
CA ALA B 31 -7.78 7.29 5.83
C ALA B 31 -8.90 8.16 6.40
N ARG B 32 -8.80 8.57 7.66
CA ARG B 32 -9.81 9.42 8.27
C ARG B 32 -9.55 10.91 8.06
N GLU B 33 -8.50 11.26 7.33
CA GLU B 33 -8.15 12.64 7.05
C GLU B 33 -8.57 13.00 5.62
N VAL B 34 -8.99 14.24 5.44
CA VAL B 34 -9.37 14.76 4.13
C VAL B 34 -8.21 15.56 3.58
N LYS B 35 -7.75 15.21 2.38
CA LYS B 35 -6.60 15.85 1.75
C LYS B 35 -7.07 16.86 0.73
N LEU B 36 -6.67 18.12 0.90
CA LEU B 36 -7.03 19.21 0.00
C LEU B 36 -5.77 19.83 -0.57
N LEU B 37 -5.81 20.15 -1.86
CA LEU B 37 -4.71 20.80 -2.56
C LEU B 37 -5.08 22.26 -2.80
N LEU B 38 -4.26 23.17 -2.30
CA LEU B 38 -4.52 24.60 -2.37
C LEU B 38 -3.65 25.24 -3.44
N LEU B 39 -4.27 25.93 -4.39
CA LEU B 39 -3.58 26.58 -5.48
C LEU B 39 -3.96 28.05 -5.55
N GLY B 40 -3.27 28.77 -6.41
CA GLY B 40 -3.49 30.20 -6.54
C GLY B 40 -2.37 30.84 -7.31
N ALA B 41 -2.36 32.17 -7.28
CA ALA B 41 -1.34 32.97 -7.96
C ALA B 41 -0.45 33.73 -6.99
N GLY B 42 -0.30 33.20 -5.78
CA GLY B 42 0.56 33.83 -4.79
C GLY B 42 -0.12 34.95 -4.03
N GLU B 43 -0.32 36.09 -4.70
CA GLU B 43 -1.01 37.23 -4.13
C GLU B 43 -2.52 37.10 -4.18
N SER B 44 -3.03 35.89 -4.42
CA SER B 44 -4.46 35.64 -4.56
C SER B 44 -5.20 35.60 -3.23
N GLY B 45 -4.50 35.68 -2.11
CA GLY B 45 -5.15 35.61 -0.82
C GLY B 45 -5.23 34.23 -0.21
N LYS B 46 -4.42 33.27 -0.70
CA LYS B 46 -4.39 31.96 -0.07
C LYS B 46 -3.96 32.05 1.38
N SER B 47 -3.11 33.02 1.72
CA SER B 47 -2.74 33.23 3.11
C SER B 47 -3.96 33.62 3.93
N THR B 48 -4.82 34.48 3.38
CA THR B 48 -6.08 34.80 4.05
C THR B 48 -6.96 33.57 4.18
N ILE B 49 -7.07 32.78 3.11
CA ILE B 49 -7.89 31.57 3.15
C ILE B 49 -7.35 30.59 4.18
N VAL B 50 -6.02 30.44 4.24
CA VAL B 50 -5.42 29.56 5.23
C VAL B 50 -5.75 30.03 6.64
N LYS B 51 -5.70 31.36 6.86
CA LYS B 51 -6.03 31.89 8.17
C LYS B 51 -7.51 31.68 8.52
N GLN B 52 -8.38 31.63 7.52
CA GLN B 52 -9.81 31.48 7.78
C GLN B 52 -10.11 30.13 8.41
N MET B 53 -9.54 29.05 7.85
CA MET B 53 -9.85 27.71 8.34
C MET B 53 -9.38 27.51 9.77
N LYS B 54 -8.21 28.04 10.12
CA LYS B 54 -7.66 27.86 11.46
C LYS B 54 -8.42 28.71 12.48
N THR B 182 11.79 26.03 3.00
CA THR B 182 10.89 26.02 1.86
C THR B 182 10.42 24.60 1.52
N GLY B 183 9.71 24.46 0.41
CA GLY B 183 9.22 23.15 -0.01
C GLY B 183 7.72 23.13 -0.21
N ILE B 184 7.02 22.34 0.60
CA ILE B 184 5.57 22.26 0.58
C ILE B 184 5.07 22.48 2.00
N VAL B 185 4.04 23.31 2.13
CA VAL B 185 3.50 23.67 3.44
C VAL B 185 2.23 22.86 3.69
N GLU B 186 2.15 22.25 4.86
CA GLU B 186 0.98 21.48 5.28
C GLU B 186 0.23 22.26 6.35
N THR B 187 -1.08 22.36 6.19
CA THR B 187 -1.95 23.04 7.14
C THR B 187 -2.95 22.04 7.71
N HIS B 188 -3.14 22.08 9.02
CA HIS B 188 -4.01 21.14 9.73
C HIS B 188 -5.16 21.91 10.37
N PHE B 189 -6.38 21.48 10.09
CA PHE B 189 -7.55 22.05 10.73
C PHE B 189 -8.66 21.01 10.76
N THR B 190 -9.62 21.23 11.64
CA THR B 190 -10.73 20.29 11.83
C THR B 190 -12.04 21.06 11.77
N PHE B 191 -13.10 20.36 11.37
CA PHE B 191 -14.42 20.96 11.29
C PHE B 191 -15.46 19.86 11.39
N LYS B 192 -16.29 19.91 12.44
CA LYS B 192 -17.37 18.94 12.65
C LYS B 192 -16.83 17.50 12.64
N ASP B 193 -15.85 17.25 13.52
CA ASP B 193 -15.28 15.93 13.72
C ASP B 193 -14.67 15.36 12.43
N LEU B 194 -14.25 16.25 11.54
CA LEU B 194 -13.60 15.87 10.29
C LEU B 194 -12.21 16.49 10.26
N HIS B 195 -11.22 15.70 9.86
CA HIS B 195 -9.84 16.14 9.85
C HIS B 195 -9.40 16.44 8.42
N PHE B 196 -8.88 17.64 8.20
CA PHE B 196 -8.50 18.10 6.88
C PHE B 196 -7.00 18.31 6.81
N LYS B 197 -6.45 18.11 5.61
CA LYS B 197 -5.05 18.34 5.32
C LYS B 197 -4.96 19.20 4.08
N MET B 198 -4.45 20.41 4.22
CA MET B 198 -4.30 21.33 3.10
C MET B 198 -2.83 21.44 2.74
N PHE B 199 -2.51 21.14 1.47
CA PHE B 199 -1.14 21.18 0.97
C PHE B 199 -1.00 22.38 0.06
N ASP B 200 -0.05 23.26 0.38
CA ASP B 200 0.25 24.44 -0.42
C ASP B 200 1.54 24.20 -1.18
N VAL B 201 1.49 24.34 -2.49
CA VAL B 201 2.64 24.08 -3.35
C VAL B 201 3.00 25.32 -4.14
N GLY B 202 2.74 26.50 -3.57
CA GLY B 202 3.04 27.74 -4.25
C GLY B 202 4.50 28.14 -4.27
N ALA B 203 5.33 27.46 -3.48
CA ALA B 203 6.76 27.77 -3.39
C ALA B 203 7.61 26.86 -4.26
N GLN B 204 7.00 26.05 -5.12
CA GLN B 204 7.78 25.14 -5.97
C GLN B 204 8.45 25.90 -7.10
N ARG B 205 7.65 26.59 -7.92
CA ARG B 205 8.15 27.35 -9.07
C ARG B 205 8.92 26.46 -10.05
N SER B 206 8.50 25.21 -10.17
CA SER B 206 9.11 24.23 -11.06
C SER B 206 8.09 23.77 -12.09
N GLU B 207 8.44 22.76 -12.87
CA GLU B 207 7.51 22.18 -13.82
C GLU B 207 6.39 21.47 -13.06
N ARG B 208 5.16 21.95 -13.22
CA ARG B 208 4.05 21.43 -12.43
C ARG B 208 3.73 19.99 -12.79
N LYS B 209 3.84 19.63 -14.05
CA LYS B 209 3.42 18.31 -14.50
C LYS B 209 4.35 17.19 -14.02
N LYS B 210 5.50 17.52 -13.44
CA LYS B 210 6.40 16.49 -12.92
C LYS B 210 6.11 16.11 -11.48
N TRP B 211 5.23 16.85 -10.80
CA TRP B 211 4.87 16.51 -9.43
C TRP B 211 3.38 16.68 -9.14
N ILE B 212 2.55 16.83 -10.18
CA ILE B 212 1.13 17.04 -9.95
C ILE B 212 0.36 15.74 -9.80
N HIS B 213 0.93 14.61 -10.20
CA HIS B 213 0.29 13.32 -9.96
C HIS B 213 0.42 12.86 -8.52
N CYS B 214 1.29 13.49 -7.73
CA CYS B 214 1.40 13.17 -6.32
C CYS B 214 0.12 13.49 -5.56
N PHE B 215 -0.68 14.41 -6.06
CA PHE B 215 -1.93 14.80 -5.42
C PHE B 215 -3.16 14.21 -6.11
N GLU B 216 -2.96 13.26 -7.03
CA GLU B 216 -4.07 12.58 -7.66
C GLU B 216 -4.73 11.67 -6.63
N GLY B 217 -5.83 12.12 -6.05
CA GLY B 217 -6.47 11.39 -4.98
C GLY B 217 -6.92 12.29 -3.85
N VAL B 218 -6.74 13.60 -4.03
CA VAL B 218 -7.23 14.55 -3.05
C VAL B 218 -8.75 14.66 -3.16
N ALA B 219 -9.39 15.00 -2.05
CA ALA B 219 -10.85 15.12 -2.05
C ALA B 219 -11.31 16.27 -2.94
N ALA B 220 -10.65 17.42 -2.84
CA ALA B 220 -11.02 18.58 -3.62
C ALA B 220 -9.79 19.46 -3.81
N ILE B 221 -9.92 20.39 -4.75
CA ILE B 221 -8.88 21.37 -5.04
C ILE B 221 -9.43 22.75 -4.71
N ILE B 222 -8.72 23.49 -3.87
CA ILE B 222 -9.11 24.84 -3.51
C ILE B 222 -8.29 25.80 -4.36
N PHE B 223 -8.95 26.44 -5.32
CA PHE B 223 -8.30 27.39 -6.22
C PHE B 223 -8.69 28.80 -5.80
N CYS B 224 -7.68 29.64 -5.58
CA CYS B 224 -7.88 31.00 -5.09
C CYS B 224 -7.54 32.00 -6.19
N VAL B 225 -8.48 32.87 -6.52
CA VAL B 225 -8.30 33.91 -7.51
C VAL B 225 -8.73 35.24 -6.88
N ALA B 226 -7.89 36.26 -7.01
CA ALA B 226 -8.20 37.58 -6.49
C ALA B 226 -8.99 38.36 -7.53
N LEU B 227 -10.12 38.94 -7.10
CA LEU B 227 -10.96 39.70 -8.01
C LEU B 227 -10.45 41.12 -8.23
N SER B 228 -9.48 41.57 -7.45
CA SER B 228 -8.98 42.94 -7.55
C SER B 228 -7.80 43.08 -8.50
N ASP B 229 -7.37 41.99 -9.14
CA ASP B 229 -6.22 42.04 -10.04
C ASP B 229 -6.61 41.87 -11.50
N TYR B 230 -7.83 42.30 -11.88
CA TYR B 230 -8.23 42.22 -13.28
C TYR B 230 -7.47 43.23 -14.13
N ASP B 231 -7.18 44.40 -13.59
CA ASP B 231 -6.44 45.43 -14.33
C ASP B 231 -4.94 45.41 -14.08
N LEU B 232 -4.51 44.91 -12.92
CA LEU B 232 -3.08 44.82 -12.64
C LEU B 232 -2.40 43.83 -13.56
N VAL B 233 -1.12 44.06 -13.82
CA VAL B 233 -0.31 43.22 -14.69
C VAL B 233 0.80 42.59 -13.88
N LEU B 234 1.35 41.50 -14.43
CA LEU B 234 2.42 40.76 -13.77
C LEU B 234 3.75 41.52 -13.84
N GLU B 239 2.58 44.03 -19.84
CA GLU B 239 2.71 42.65 -20.30
C GLU B 239 1.35 41.97 -20.35
N MET B 240 1.15 40.99 -19.47
CA MET B 240 -0.10 40.26 -19.35
C MET B 240 -0.71 40.54 -17.99
N ASN B 241 -2.00 40.84 -17.96
CA ASN B 241 -2.68 41.16 -16.71
C ASN B 241 -2.75 39.94 -15.81
N ARG B 242 -2.81 40.19 -14.49
CA ARG B 242 -2.74 39.11 -13.52
C ARG B 242 -3.93 38.18 -13.61
N MET B 243 -5.10 38.69 -13.99
CA MET B 243 -6.30 37.85 -14.05
C MET B 243 -6.16 36.75 -15.11
N HIS B 244 -5.64 37.09 -16.28
CA HIS B 244 -5.47 36.08 -17.32
C HIS B 244 -4.39 35.07 -16.96
N GLU B 245 -3.46 35.43 -16.06
CA GLU B 245 -2.51 34.45 -15.56
C GLU B 245 -3.21 33.39 -14.73
N SER B 246 -4.19 33.79 -13.90
CA SER B 246 -4.97 32.83 -13.14
C SER B 246 -5.81 31.96 -14.07
N MET B 247 -6.42 32.56 -15.09
CA MET B 247 -7.27 31.81 -16.01
C MET B 247 -6.46 30.77 -16.77
N LYS B 248 -5.22 31.10 -17.12
CA LYS B 248 -4.34 30.12 -17.74
C LYS B 248 -4.02 28.98 -16.76
N LEU B 249 -3.78 29.33 -15.51
CA LEU B 249 -3.50 28.31 -14.50
C LEU B 249 -4.75 27.49 -14.18
N PHE B 250 -5.90 28.16 -14.05
CA PHE B 250 -7.14 27.46 -13.77
C PHE B 250 -7.49 26.49 -14.88
N ASP B 251 -7.31 26.91 -16.13
CA ASP B 251 -7.62 26.03 -17.27
C ASP B 251 -6.72 24.80 -17.28
N SER B 252 -5.44 24.98 -16.99
CA SER B 252 -4.51 23.85 -16.98
C SER B 252 -4.84 22.86 -15.86
N ILE B 253 -5.15 23.37 -14.67
CA ILE B 253 -5.43 22.50 -13.54
C ILE B 253 -6.78 21.80 -13.74
N CYS B 254 -7.80 22.54 -14.18
CA CYS B 254 -9.13 21.97 -14.29
C CYS B 254 -9.16 20.85 -15.32
N ASN B 255 -8.50 21.04 -16.46
CA ASN B 255 -8.49 20.05 -17.53
C ASN B 255 -7.31 19.09 -17.43
N ASN B 256 -6.68 18.98 -16.27
CA ASN B 256 -5.57 18.05 -16.10
C ASN B 256 -6.06 16.62 -16.19
N LYS B 257 -5.21 15.74 -16.76
CA LYS B 257 -5.58 14.34 -16.87
C LYS B 257 -5.67 13.66 -15.51
N TRP B 258 -4.92 14.14 -14.52
CA TRP B 258 -4.98 13.58 -13.18
C TRP B 258 -6.18 14.05 -12.39
N PHE B 259 -6.75 15.19 -12.75
CA PHE B 259 -7.96 15.72 -12.10
C PHE B 259 -9.07 15.72 -13.15
N THR B 260 -9.73 14.56 -13.30
CA THR B 260 -10.87 14.44 -14.18
C THR B 260 -12.19 14.33 -13.44
N ASP B 261 -12.15 14.08 -12.13
CA ASP B 261 -13.36 13.98 -11.34
C ASP B 261 -13.27 14.67 -9.99
N THR B 262 -12.13 15.27 -9.64
CA THR B 262 -11.99 15.92 -8.35
C THR B 262 -12.73 17.25 -8.35
N SER B 263 -13.52 17.49 -7.31
CA SER B 263 -14.25 18.75 -7.20
C SER B 263 -13.28 19.91 -7.05
N ILE B 264 -13.58 21.00 -7.74
CA ILE B 264 -12.76 22.20 -7.68
C ILE B 264 -13.57 23.28 -6.97
N ILE B 265 -13.05 23.77 -5.86
CA ILE B 265 -13.66 24.86 -5.12
C ILE B 265 -12.93 26.14 -5.52
N LEU B 266 -13.66 27.05 -6.16
CA LEU B 266 -13.10 28.30 -6.65
C LEU B 266 -13.44 29.41 -5.66
N PHE B 267 -12.41 30.05 -5.14
CA PHE B 267 -12.57 31.15 -4.17
C PHE B 267 -12.16 32.44 -4.85
N LEU B 268 -13.13 33.33 -5.06
CA LEU B 268 -12.85 34.65 -5.63
C LEU B 268 -12.68 35.62 -4.47
N ASN B 269 -11.43 35.97 -4.19
CA ASN B 269 -11.08 36.75 -3.01
C ASN B 269 -11.08 38.24 -3.31
N LYS B 270 -10.82 39.04 -2.28
CA LYS B 270 -10.70 40.49 -2.39
C LYS B 270 -11.94 41.10 -3.01
N LYS B 271 -13.11 40.71 -2.51
CA LYS B 271 -14.36 41.24 -3.04
C LYS B 271 -14.57 42.68 -2.60
N ASP B 272 -13.97 43.10 -1.48
CA ASP B 272 -14.07 44.49 -1.07
C ASP B 272 -13.33 45.40 -2.05
N LEU B 273 -12.09 45.07 -2.37
CA LEU B 273 -11.29 45.91 -3.25
C LEU B 273 -11.89 45.96 -4.65
N PHE B 274 -12.38 44.82 -5.14
CA PHE B 274 -12.97 44.78 -6.48
C PHE B 274 -14.23 45.64 -6.54
N GLU B 275 -15.01 45.67 -5.46
CA GLU B 275 -16.21 46.48 -5.43
C GLU B 275 -15.88 47.97 -5.56
N GLU B 276 -14.84 48.42 -4.86
CA GLU B 276 -14.44 49.82 -4.95
C GLU B 276 -13.69 50.13 -6.24
N LYS B 277 -12.94 49.15 -6.77
CA LYS B 277 -12.11 49.42 -7.93
C LYS B 277 -12.94 49.65 -9.19
N ILE B 278 -14.05 48.92 -9.34
CA ILE B 278 -14.85 49.05 -10.55
C ILE B 278 -15.54 50.42 -10.64
N LYS B 279 -15.66 51.13 -9.53
CA LYS B 279 -16.22 52.47 -9.56
C LYS B 279 -15.33 53.42 -10.36
N LYS B 280 -14.01 53.32 -10.17
CA LYS B 280 -13.06 54.20 -10.83
C LYS B 280 -12.42 53.59 -12.07
N SER B 281 -12.50 52.28 -12.23
CA SER B 281 -11.89 51.58 -13.36
C SER B 281 -12.91 50.63 -13.97
N PRO B 282 -12.87 50.44 -15.29
CA PRO B 282 -13.81 49.50 -15.92
C PRO B 282 -13.27 48.10 -16.11
N LEU B 283 -14.17 47.11 -16.14
CA LEU B 283 -13.77 45.73 -16.36
C LEU B 283 -13.31 45.47 -17.78
N THR B 284 -13.52 46.43 -18.70
CA THR B 284 -13.10 46.25 -20.08
C THR B 284 -11.58 46.17 -20.22
N ILE B 285 -10.84 46.61 -19.20
CA ILE B 285 -9.39 46.48 -19.23
C ILE B 285 -8.98 45.02 -19.28
N CYS B 286 -9.64 44.18 -18.48
CA CYS B 286 -9.32 42.76 -18.46
C CYS B 286 -10.02 42.03 -19.62
N TYR B 287 -11.32 42.26 -19.77
CA TYR B 287 -12.12 41.60 -20.81
C TYR B 287 -12.61 42.65 -21.79
N GLN B 288 -11.99 42.71 -22.97
CA GLN B 288 -12.37 43.69 -23.97
C GLN B 288 -13.75 43.42 -24.56
N GLU B 289 -14.26 42.19 -24.43
CA GLU B 289 -15.57 41.84 -24.95
C GLU B 289 -16.69 42.04 -23.92
N TYR B 290 -16.36 42.55 -22.74
CA TYR B 290 -17.38 42.76 -21.71
C TYR B 290 -18.29 43.91 -22.10
N ALA B 291 -19.60 43.69 -21.97
CA ALA B 291 -20.62 44.72 -22.23
C ALA B 291 -21.65 44.62 -21.11
N GLY B 292 -21.44 45.41 -20.06
CA GLY B 292 -22.34 45.40 -18.93
C GLY B 292 -22.05 46.55 -17.99
N SER B 293 -23.01 46.81 -17.11
CA SER B 293 -22.88 47.89 -16.16
C SER B 293 -21.78 47.60 -15.15
N ASN B 294 -20.99 48.63 -14.82
CA ASN B 294 -19.88 48.49 -13.89
C ASN B 294 -20.37 48.51 -12.44
N THR B 295 -21.30 47.60 -12.15
CA THR B 295 -21.78 47.37 -10.81
C THR B 295 -21.18 46.08 -10.26
N TYR B 296 -21.19 45.96 -8.94
CA TYR B 296 -20.59 44.79 -8.31
C TYR B 296 -21.30 43.51 -8.73
N GLU B 297 -22.63 43.53 -8.75
CA GLU B 297 -23.38 42.30 -9.02
C GLU B 297 -23.17 41.83 -10.44
N GLU B 298 -23.24 42.73 -11.42
CA GLU B 298 -23.13 42.32 -12.82
C GLU B 298 -21.69 41.97 -13.18
N ALA B 299 -20.72 42.77 -12.74
CA ALA B 299 -19.34 42.53 -13.12
C ALA B 299 -18.78 41.27 -12.48
N ALA B 300 -19.05 41.06 -11.19
CA ALA B 300 -18.52 39.89 -10.50
C ALA B 300 -19.10 38.60 -11.08
N ALA B 301 -20.40 38.59 -11.35
CA ALA B 301 -21.02 37.41 -11.94
C ALA B 301 -20.52 37.14 -13.36
N TYR B 302 -19.98 38.15 -14.03
CA TYR B 302 -19.38 37.91 -15.35
C TYR B 302 -18.03 37.23 -15.22
N ILE B 303 -17.23 37.62 -14.23
CA ILE B 303 -15.92 37.01 -14.03
C ILE B 303 -16.08 35.53 -13.68
N GLN B 304 -17.03 35.21 -12.81
CA GLN B 304 -17.24 33.82 -12.42
C GLN B 304 -17.65 32.97 -13.62
N CYS B 305 -18.54 33.48 -14.47
CA CYS B 305 -18.96 32.73 -15.65
C CYS B 305 -17.78 32.48 -16.59
N GLN B 306 -16.85 33.42 -16.67
CA GLN B 306 -15.66 33.21 -17.49
C GLN B 306 -14.79 32.10 -16.93
N PHE B 307 -14.65 32.03 -15.60
CA PHE B 307 -13.87 30.97 -15.00
C PHE B 307 -14.57 29.62 -15.10
N GLU B 308 -15.87 29.59 -14.87
CA GLU B 308 -16.61 28.33 -14.98
C GLU B 308 -16.75 27.86 -16.42
N ASP B 309 -16.52 28.74 -17.39
CA ASP B 309 -16.58 28.36 -18.79
C ASP B 309 -15.34 27.57 -19.22
N LEU B 310 -14.23 27.68 -18.50
CA LEU B 310 -13.01 26.96 -18.83
C LEU B 310 -13.13 25.46 -18.55
N ASN B 311 -14.15 25.04 -17.81
CA ASN B 311 -14.36 23.63 -17.50
C ASN B 311 -14.84 22.91 -18.75
N LYS B 312 -13.96 22.15 -19.38
CA LYS B 312 -14.37 21.38 -20.55
C LYS B 312 -15.21 20.17 -20.15
N ARG B 313 -14.82 19.48 -19.08
CA ARG B 313 -15.55 18.32 -18.58
C ARG B 313 -16.68 18.79 -17.68
N LYS B 314 -17.76 19.25 -18.31
CA LYS B 314 -18.90 19.81 -17.59
C LYS B 314 -19.81 18.73 -17.01
N ASP B 315 -19.61 17.46 -17.35
CA ASP B 315 -20.51 16.39 -16.93
C ASP B 315 -19.91 15.46 -15.90
N THR B 316 -18.60 15.40 -15.75
CA THR B 316 -17.95 14.48 -14.83
C THR B 316 -17.24 15.18 -13.67
N LYS B 317 -17.35 16.52 -13.58
CA LYS B 317 -16.74 17.29 -12.51
C LYS B 317 -17.50 18.58 -12.21
N GLU B 318 -17.70 18.87 -10.93
CA GLU B 318 -18.46 20.04 -10.54
C GLU B 318 -17.53 21.09 -9.92
N ILE B 319 -17.72 22.34 -10.33
CA ILE B 319 -16.94 23.47 -9.82
C ILE B 319 -17.84 24.25 -8.89
N TYR B 320 -17.40 24.43 -7.65
CA TYR B 320 -18.13 25.21 -6.65
C TYR B 320 -17.47 26.57 -6.55
N THR B 321 -18.23 27.61 -6.89
CA THR B 321 -17.71 28.97 -6.91
C THR B 321 -18.26 29.74 -5.71
N HIS B 322 -17.38 30.41 -4.97
CA HIS B 322 -17.76 31.18 -3.81
C HIS B 322 -17.06 32.52 -3.85
N PHE B 323 -17.74 33.54 -3.32
CA PHE B 323 -17.18 34.89 -3.22
C PHE B 323 -16.73 35.11 -1.78
N THR B 324 -15.46 35.45 -1.61
CA THR B 324 -14.84 35.52 -0.29
C THR B 324 -14.53 36.97 0.06
N CYS B 325 -14.90 37.35 1.27
CA CYS B 325 -14.50 38.62 1.85
C CYS B 325 -13.21 38.43 2.65
N SER B 326 -12.35 39.44 2.60
CA SER B 326 -11.07 39.34 3.31
C SER B 326 -11.27 39.16 4.80
N THR B 327 -12.24 39.87 5.38
CA THR B 327 -12.59 39.73 6.79
C THR B 327 -14.04 39.22 6.85
N ASP B 328 -14.17 37.90 6.94
CA ASP B 328 -15.48 37.27 7.02
C ASP B 328 -15.32 35.89 7.67
N THR B 329 -16.38 35.10 7.60
CA THR B 329 -16.37 33.74 8.14
C THR B 329 -17.18 32.86 7.21
N LYS B 330 -17.48 31.64 7.66
CA LYS B 330 -18.30 30.66 6.94
C LYS B 330 -17.67 30.20 5.64
N ASN B 331 -16.38 30.48 5.42
CA ASN B 331 -15.69 29.89 4.28
C ASN B 331 -15.32 28.44 4.53
N VAL B 332 -15.03 28.09 5.79
CA VAL B 332 -14.73 26.71 6.13
C VAL B 332 -15.96 25.84 5.98
N GLN B 333 -17.15 26.38 6.24
CA GLN B 333 -18.38 25.63 6.02
C GLN B 333 -18.58 25.28 4.56
N PHE B 334 -18.25 26.20 3.65
CA PHE B 334 -18.42 25.95 2.22
C PHE B 334 -17.52 24.80 1.77
N VAL B 335 -16.30 24.72 2.30
CA VAL B 335 -15.42 23.62 1.98
C VAL B 335 -15.96 22.32 2.54
N PHE B 336 -16.54 22.37 3.73
CA PHE B 336 -17.11 21.16 4.34
C PHE B 336 -18.25 20.60 3.51
N ASP B 337 -19.13 21.48 3.01
CA ASP B 337 -20.24 21.03 2.19
C ASP B 337 -19.76 20.42 0.88
N ALA B 338 -18.77 21.05 0.23
CA ALA B 338 -18.27 20.51 -1.03
C ALA B 338 -17.52 19.20 -0.82
N VAL B 339 -16.87 19.05 0.34
CA VAL B 339 -16.17 17.81 0.65
C VAL B 339 -17.16 16.69 0.91
N THR B 340 -18.26 17.00 1.61
CA THR B 340 -19.27 15.98 1.91
C THR B 340 -19.86 15.38 0.64
N ASP B 341 -20.13 16.22 -0.36
CA ASP B 341 -20.66 15.70 -1.62
C ASP B 341 -19.67 14.75 -2.29
N VAL B 342 -18.37 15.01 -2.14
CA VAL B 342 -17.37 14.09 -2.65
C VAL B 342 -17.40 12.79 -1.87
N ILE B 343 -17.57 12.87 -0.55
CA ILE B 343 -17.63 11.68 0.27
C ILE B 343 -18.86 10.85 -0.07
N ILE B 344 -20.00 11.51 -0.26
CA ILE B 344 -21.22 10.79 -0.64
C ILE B 344 -21.02 10.08 -1.97
N LYS B 345 -20.43 10.77 -2.94
CA LYS B 345 -20.14 10.13 -4.23
C LYS B 345 -19.14 9.00 -4.07
N ASN B 346 -18.19 9.14 -3.15
CA ASN B 346 -17.25 8.06 -2.87
C ASN B 346 -17.97 6.86 -2.26
N ASN B 347 -18.90 7.11 -1.34
CA ASN B 347 -19.64 6.01 -0.72
C ASN B 347 -20.49 5.26 -1.74
N LEU B 348 -21.15 6.00 -2.64
CA LEU B 348 -21.95 5.36 -3.68
C LEU B 348 -21.08 4.54 -4.63
N LYS B 349 -19.81 4.92 -4.79
CA LYS B 349 -18.90 4.12 -5.60
C LYS B 349 -18.68 2.74 -4.99
N ASP B 350 -18.49 2.69 -3.67
CA ASP B 350 -18.25 1.42 -3.00
C ASP B 350 -19.48 0.52 -3.06
N CYS B 351 -20.67 1.08 -2.87
CA CYS B 351 -21.90 0.30 -2.88
C CYS B 351 -22.38 -0.03 -4.28
N GLY B 352 -21.74 0.50 -5.32
CA GLY B 352 -22.07 0.16 -6.69
C GLY B 352 -23.17 0.98 -7.32
N LEU B 353 -23.77 1.92 -6.57
CA LEU B 353 -24.85 2.73 -7.14
C LEU B 353 -24.34 3.73 -8.15
N PHE B 354 -23.23 4.41 -7.84
CA PHE B 354 -22.69 5.43 -8.72
C PHE B 354 -21.26 5.08 -9.13
N VAL C 5 22.09 1.73 30.32
CA VAL C 5 22.39 1.10 31.60
C VAL C 5 21.15 0.38 32.14
N GLU C 6 21.36 -0.54 33.07
CA GLU C 6 20.28 -1.30 33.68
C GLU C 6 20.78 -1.93 34.97
N SER C 7 19.88 -2.04 35.96
CA SER C 7 20.23 -2.58 37.26
C SER C 7 18.93 -2.81 38.05
N GLY C 8 19.06 -3.38 39.25
CA GLY C 8 17.96 -3.49 40.18
C GLY C 8 17.75 -4.88 40.79
N GLY C 9 17.12 -4.94 41.96
CA GLY C 9 16.76 -6.21 42.57
C GLY C 9 16.85 -6.27 44.08
N GLY C 10 16.59 -7.45 44.64
CA GLY C 10 16.71 -7.69 46.07
C GLY C 10 17.73 -8.76 46.38
N LEU C 11 18.22 -8.84 47.63
CA LEU C 11 19.37 -9.69 47.93
C LEU C 11 19.11 -10.75 48.98
N VAL C 12 18.52 -10.40 50.13
CA VAL C 12 18.49 -11.30 51.29
C VAL C 12 17.07 -11.80 51.51
N GLN C 13 16.92 -13.12 51.65
CA GLN C 13 15.65 -13.77 51.94
C GLN C 13 15.84 -15.25 52.25
N PRO C 14 15.07 -15.81 53.19
CA PRO C 14 15.12 -17.26 53.41
C PRO C 14 14.25 -18.01 52.41
N GLY C 15 14.08 -19.32 52.58
CA GLY C 15 13.23 -20.08 51.69
C GLY C 15 11.83 -19.50 51.56
N GLY C 16 11.53 -18.92 50.41
CA GLY C 16 10.28 -18.21 50.20
C GLY C 16 10.16 -17.64 48.80
N SER C 17 9.70 -16.39 48.69
CA SER C 17 9.45 -15.76 47.42
C SER C 17 10.07 -14.36 47.38
N ARG C 18 10.44 -13.92 46.18
CA ARG C 18 10.96 -12.57 45.98
C ARG C 18 10.79 -12.20 44.52
N LYS C 19 10.87 -10.89 44.25
CA LYS C 19 10.68 -10.34 42.91
C LYS C 19 11.87 -9.46 42.54
N LEU C 20 12.42 -9.67 41.36
CA LEU C 20 13.52 -8.87 40.85
C LEU C 20 13.02 -7.85 39.84
N SER C 21 13.79 -6.78 39.67
CA SER C 21 13.45 -5.71 38.74
C SER C 21 14.69 -5.29 37.96
N CYS C 22 14.46 -4.74 36.77
CA CYS C 22 15.52 -4.14 35.97
C CYS C 22 15.01 -2.85 35.35
N SER C 23 15.83 -1.80 35.41
CA SER C 23 15.43 -0.47 34.95
C SER C 23 16.25 -0.11 33.71
N ALA C 24 15.66 -0.30 32.54
CA ALA C 24 16.30 0.06 31.29
C ALA C 24 16.42 1.57 31.15
N SER C 25 17.41 2.01 30.38
CA SER C 25 17.69 3.44 30.24
C SER C 25 18.29 3.71 28.87
N GLY C 26 17.54 4.44 28.05
CA GLY C 26 18.07 5.02 26.83
C GLY C 26 18.52 4.08 25.73
N PHE C 27 17.74 3.04 25.44
CA PHE C 27 18.02 2.26 24.25
C PHE C 27 16.78 1.78 23.52
N ALA C 28 15.63 2.44 23.70
CA ALA C 28 14.37 2.02 23.10
C ALA C 28 13.99 0.61 23.56
N PHE C 29 13.74 0.52 24.87
CA PHE C 29 13.53 -0.76 25.54
C PHE C 29 12.33 -1.52 24.99
N SER C 30 11.37 -0.84 24.38
CA SER C 30 10.16 -1.50 23.92
C SER C 30 10.40 -2.45 22.75
N SER C 31 11.47 -2.25 21.98
CA SER C 31 11.75 -3.08 20.82
C SER C 31 12.81 -4.13 21.08
N PHE C 32 13.16 -4.37 22.34
CA PHE C 32 14.20 -5.31 22.71
C PHE C 32 13.58 -6.47 23.50
N GLY C 33 13.92 -7.70 23.11
CA GLY C 33 13.62 -8.84 23.94
C GLY C 33 14.66 -8.98 25.04
N MET C 34 14.22 -9.41 26.21
CA MET C 34 15.05 -9.39 27.41
C MET C 34 15.19 -10.78 28.01
N HIS C 35 16.34 -11.04 28.61
CA HIS C 35 16.67 -12.31 29.23
C HIS C 35 17.03 -12.09 30.70
N TRP C 36 17.16 -13.18 31.44
CA TRP C 36 17.44 -13.15 32.87
C TRP C 36 18.52 -14.16 33.23
N VAL C 37 19.62 -14.17 32.47
CA VAL C 37 20.70 -15.11 32.71
C VAL C 37 21.26 -14.92 34.11
N ARG C 38 21.54 -16.03 34.79
CA ARG C 38 22.04 -16.01 36.16
C ARG C 38 23.37 -16.76 36.24
N GLN C 39 24.11 -16.49 37.32
CA GLN C 39 25.40 -17.11 37.54
C GLN C 39 25.56 -17.47 39.00
N ALA C 40 25.85 -18.75 39.27
CA ALA C 40 26.07 -19.22 40.63
C ALA C 40 27.35 -18.60 41.19
N PRO C 41 27.53 -18.64 42.52
CA PRO C 41 28.67 -17.92 43.13
C PRO C 41 30.02 -18.26 42.51
N GLU C 42 30.28 -19.53 42.18
CA GLU C 42 31.50 -19.84 41.44
C GLU C 42 31.33 -20.91 40.36
N LYS C 43 30.10 -21.19 39.92
CA LYS C 43 29.88 -21.95 38.69
C LYS C 43 29.87 -21.00 37.51
N GLY C 44 29.45 -21.50 36.34
CA GLY C 44 29.31 -20.69 35.15
C GLY C 44 27.92 -20.08 35.05
N LEU C 45 27.66 -19.48 33.89
CA LEU C 45 26.38 -18.84 33.64
C LEU C 45 25.33 -19.88 33.26
N GLU C 46 24.06 -19.50 33.48
CA GLU C 46 22.95 -20.36 33.09
C GLU C 46 21.73 -19.49 32.84
N TRP C 47 21.05 -19.77 31.73
CA TRP C 47 19.88 -18.99 31.32
C TRP C 47 18.69 -19.30 32.23
N VAL C 48 17.80 -18.32 32.38
CA VAL C 48 16.66 -18.48 33.28
C VAL C 48 15.34 -18.29 32.56
N ALA C 49 15.11 -17.11 31.99
CA ALA C 49 13.81 -16.80 31.38
C ALA C 49 14.01 -15.84 30.22
N TYR C 50 12.93 -15.63 29.47
CA TYR C 50 12.97 -14.76 28.30
C TYR C 50 11.56 -14.26 28.01
N ILE C 51 11.45 -12.97 27.68
CA ILE C 51 10.18 -12.38 27.24
C ILE C 51 10.47 -11.56 25.99
N SER C 52 9.69 -11.79 24.94
CA SER C 52 9.99 -11.20 23.64
C SER C 52 9.53 -9.75 23.57
N SER C 53 9.86 -9.09 22.46
CA SER C 53 9.42 -7.73 22.23
C SER C 53 7.91 -7.71 21.98
N GLY C 54 7.21 -6.81 22.67
CA GLY C 54 5.77 -6.82 22.64
C GLY C 54 5.13 -7.85 23.53
N SER C 55 5.91 -8.50 24.41
CA SER C 55 5.41 -9.48 25.38
C SER C 55 4.66 -10.62 24.67
N GLY C 56 5.32 -11.20 23.68
CA GLY C 56 4.74 -12.30 22.94
C GLY C 56 5.16 -13.64 23.49
N THR C 57 6.10 -14.31 22.82
CA THR C 57 6.60 -15.58 23.33
C THR C 57 7.33 -15.37 24.64
N ILE C 58 7.16 -16.31 25.55
CA ILE C 58 7.85 -16.31 26.83
C ILE C 58 8.40 -17.71 27.07
N TYR C 59 9.67 -17.80 27.45
CA TYR C 59 10.33 -19.08 27.69
C TYR C 59 10.96 -19.07 29.08
N TYR C 60 11.09 -20.26 29.65
CA TYR C 60 11.66 -20.44 30.98
C TYR C 60 12.65 -21.60 30.96
N ALA C 61 13.57 -21.57 31.91
CA ALA C 61 14.48 -22.69 32.09
C ALA C 61 13.72 -23.89 32.62
N ASP C 62 14.21 -25.09 32.27
CA ASP C 62 13.53 -26.30 32.70
C ASP C 62 13.57 -26.48 34.21
N THR C 63 14.59 -25.94 34.87
CA THR C 63 14.72 -26.10 36.32
C THR C 63 13.93 -25.07 37.11
N VAL C 64 13.37 -24.05 36.46
CA VAL C 64 12.60 -23.03 37.16
C VAL C 64 11.27 -22.80 36.44
N LYS C 65 10.80 -23.82 35.71
CA LYS C 65 9.70 -23.61 34.77
C LYS C 65 8.42 -23.15 35.47
N GLY C 66 8.11 -23.74 36.62
CA GLY C 66 6.86 -23.43 37.30
C GLY C 66 7.00 -22.36 38.38
N ARG C 67 8.16 -22.30 39.01
CA ARG C 67 8.35 -21.38 40.14
C ARG C 67 8.56 -19.94 39.69
N PHE C 68 9.19 -19.71 38.55
CA PHE C 68 9.59 -18.38 38.11
C PHE C 68 8.58 -17.81 37.12
N THR C 69 8.46 -16.48 37.13
CA THR C 69 7.60 -15.76 36.20
C THR C 69 8.28 -14.48 35.76
N ILE C 70 8.34 -14.26 34.45
CA ILE C 70 9.01 -13.10 33.86
C ILE C 70 7.98 -12.22 33.17
N SER C 71 8.07 -10.91 33.40
CA SER C 71 7.14 -9.96 32.81
C SER C 71 7.85 -8.63 32.63
N ARG C 72 7.30 -7.81 31.73
CA ARG C 72 7.89 -6.52 31.38
C ARG C 72 6.81 -5.44 31.40
N ASP C 73 7.24 -4.21 31.66
CA ASP C 73 6.38 -3.04 31.63
C ASP C 73 7.03 -2.04 30.68
N ASP C 74 6.58 -2.02 29.42
CA ASP C 74 7.20 -1.13 28.44
C ASP C 74 7.08 0.35 28.83
N PRO C 75 5.93 0.86 29.24
CA PRO C 75 5.93 2.15 29.95
C PRO C 75 6.70 2.03 31.25
N LYS C 76 7.42 3.09 31.59
CA LYS C 76 8.33 3.18 32.74
C LYS C 76 9.59 2.32 32.57
N ASN C 77 9.68 1.53 31.51
CA ASN C 77 10.91 0.83 31.12
C ASN C 77 11.47 -0.01 32.27
N THR C 78 10.70 -1.03 32.64
CA THR C 78 11.08 -1.94 33.71
C THR C 78 10.85 -3.38 33.29
N LEU C 79 11.74 -4.27 33.72
CA LEU C 79 11.61 -5.70 33.50
C LEU C 79 11.61 -6.41 34.84
N PHE C 80 10.72 -7.38 35.00
CA PHE C 80 10.50 -8.04 36.28
C PHE C 80 10.75 -9.54 36.17
N LEU C 81 11.16 -10.12 37.29
CA LEU C 81 11.23 -11.57 37.45
C LEU C 81 10.59 -11.91 38.79
N GLN C 82 9.53 -12.72 38.75
CA GLN C 82 8.82 -13.13 39.96
C GLN C 82 9.20 -14.56 40.29
N MET C 83 9.69 -14.77 41.50
CA MET C 83 10.08 -16.09 41.98
C MET C 83 9.25 -16.45 43.21
N THR C 84 8.68 -17.67 43.20
CA THR C 84 7.73 -18.08 44.22
C THR C 84 8.31 -19.08 45.21
N SER C 85 8.88 -20.18 44.73
CA SER C 85 9.46 -21.21 45.60
C SER C 85 10.97 -21.16 45.43
N LEU C 86 11.64 -20.49 46.36
CA LEU C 86 13.07 -20.22 46.24
C LEU C 86 13.84 -21.28 47.05
N ARG C 87 14.37 -22.27 46.33
CA ARG C 87 15.13 -23.35 46.95
C ARG C 87 16.56 -22.88 47.22
N SER C 88 17.43 -23.81 47.61
CA SER C 88 18.83 -23.50 47.85
C SER C 88 19.70 -23.71 46.61
N GLU C 89 19.17 -24.33 45.57
CA GLU C 89 19.90 -24.56 44.33
C GLU C 89 19.93 -23.33 43.43
N ASP C 90 19.20 -22.28 43.79
CA ASP C 90 19.03 -21.11 42.94
C ASP C 90 19.52 -19.81 43.58
N THR C 91 20.54 -19.90 44.43
CA THR C 91 21.24 -18.71 44.92
C THR C 91 22.31 -18.35 43.89
N ALA C 92 22.19 -17.16 43.29
CA ALA C 92 23.05 -16.78 42.19
C ALA C 92 23.03 -15.27 42.01
N MET C 93 23.94 -14.79 41.16
CA MET C 93 23.92 -13.41 40.69
C MET C 93 23.12 -13.36 39.39
N TYR C 94 22.02 -12.62 39.41
CA TYR C 94 21.07 -12.60 38.30
C TYR C 94 21.35 -11.38 37.43
N TYR C 95 21.60 -11.62 36.14
CA TYR C 95 21.90 -10.56 35.18
C TYR C 95 20.70 -10.32 34.28
N CYS C 96 20.60 -9.09 33.78
CA CYS C 96 19.60 -8.74 32.78
C CYS C 96 20.31 -8.46 31.45
N VAL C 97 19.83 -9.10 30.40
CA VAL C 97 20.45 -9.04 29.08
C VAL C 97 19.42 -8.59 28.07
N ARG C 98 19.81 -7.66 27.20
CA ARG C 98 18.97 -7.21 26.10
C ARG C 98 19.35 -7.94 24.83
N SER C 99 18.37 -8.15 23.96
CA SER C 99 18.64 -8.82 22.69
C SER C 99 17.55 -8.46 21.70
N ILE C 100 17.95 -8.09 20.49
CA ILE C 100 17.04 -7.70 19.42
C ILE C 100 17.30 -8.61 18.24
N TYR C 101 16.24 -8.99 17.54
CA TYR C 101 16.31 -10.00 16.48
C TYR C 101 15.72 -9.45 15.18
N TYR C 102 16.60 -9.12 14.24
CA TYR C 102 16.23 -8.95 12.84
C TYR C 102 17.37 -9.57 12.03
N TYR C 103 17.42 -9.26 10.74
CA TYR C 103 18.30 -10.01 9.83
C TYR C 103 19.75 -9.98 10.31
N GLY C 104 20.30 -8.80 10.56
CA GLY C 104 21.70 -8.71 10.90
C GLY C 104 21.99 -8.13 12.27
N SER C 105 21.13 -8.42 13.24
CA SER C 105 21.28 -7.86 14.57
C SER C 105 22.34 -8.62 15.35
N SER C 106 22.64 -8.13 16.55
CA SER C 106 23.59 -8.74 17.46
C SER C 106 22.91 -8.94 18.80
N PRO C 107 22.29 -10.10 19.02
CA PRO C 107 21.63 -10.36 20.30
C PRO C 107 22.63 -10.51 21.43
N PHE C 108 22.12 -10.34 22.65
CA PHE C 108 22.92 -10.43 23.87
C PHE C 108 24.07 -9.42 23.86
N ASP C 109 23.82 -8.25 23.28
CA ASP C 109 24.89 -7.28 23.09
C ASP C 109 25.19 -6.48 24.35
N PHE C 110 24.20 -6.31 25.24
CA PHE C 110 24.41 -5.57 26.47
C PHE C 110 23.94 -6.39 27.65
N TRP C 111 24.73 -6.38 28.72
CA TRP C 111 24.44 -7.10 29.94
C TRP C 111 24.35 -6.12 31.10
N GLY C 112 23.42 -6.36 32.01
CA GLY C 112 23.27 -5.50 33.16
C GLY C 112 24.35 -5.72 34.20
N GLN C 113 24.29 -4.92 35.25
CA GLN C 113 25.25 -5.06 36.34
C GLN C 113 25.00 -6.34 37.13
N GLY C 114 23.75 -6.64 37.42
CA GLY C 114 23.39 -7.87 38.10
C GLY C 114 23.30 -7.71 39.61
N THR C 115 22.46 -8.53 40.22
CA THR C 115 22.27 -8.54 41.67
C THR C 115 22.36 -9.97 42.18
N THR C 116 22.85 -10.10 43.42
CA THR C 116 22.98 -11.39 44.06
C THR C 116 21.83 -11.62 45.03
N LEU C 117 21.37 -12.87 45.10
CA LEU C 117 20.42 -13.28 46.13
C LEU C 117 20.89 -14.59 46.74
N THR C 118 20.68 -14.73 48.04
CA THR C 118 21.06 -15.92 48.80
C THR C 118 19.88 -16.39 49.62
N VAL C 119 19.88 -17.69 49.93
CA VAL C 119 18.80 -18.30 50.70
C VAL C 119 19.27 -18.85 52.04
N SER C 120 20.57 -18.90 52.29
CA SER C 120 21.12 -19.45 53.54
C SER C 120 20.67 -20.88 53.78
N SER C 136 16.06 -33.06 23.58
CA SER C 136 16.65 -32.68 24.86
C SER C 136 17.37 -31.33 24.74
N ASP C 137 18.33 -31.10 25.63
CA ASP C 137 19.14 -29.89 25.61
C ASP C 137 20.46 -30.15 24.90
N ILE C 138 21.13 -29.05 24.54
CA ILE C 138 22.46 -29.10 23.95
C ILE C 138 23.48 -28.77 25.05
N VAL C 139 24.53 -29.57 25.14
CA VAL C 139 25.58 -29.37 26.13
C VAL C 139 26.82 -28.85 25.42
N MET C 140 27.34 -27.74 25.90
CA MET C 140 28.60 -27.18 25.42
C MET C 140 29.68 -27.52 26.43
N THR C 141 30.74 -28.19 25.96
CA THR C 141 31.71 -28.77 26.88
C THR C 141 32.73 -27.73 27.36
N GLN C 142 33.50 -27.17 26.44
CA GLN C 142 34.59 -26.26 26.79
C GLN C 142 35.57 -26.93 27.77
N ALA C 143 36.22 -27.98 27.23
CA ALA C 143 36.97 -28.90 28.08
C ALA C 143 38.07 -28.18 28.87
N THR C 144 38.81 -27.30 28.22
CA THR C 144 39.86 -26.58 28.91
C THR C 144 39.26 -25.66 29.98
N SER C 145 40.00 -25.48 31.06
CA SER C 145 39.52 -24.67 32.18
C SER C 145 40.45 -23.52 32.52
N SER C 146 41.76 -23.73 32.46
CA SER C 146 42.71 -22.68 32.80
C SER C 146 43.96 -22.83 31.93
N VAL C 147 44.52 -21.71 31.51
CA VAL C 147 45.71 -21.69 30.66
C VAL C 147 46.71 -20.71 31.28
N PRO C 148 47.99 -20.82 30.89
CA PRO C 148 48.99 -19.85 31.39
C PRO C 148 48.64 -18.43 30.98
N VAL C 149 48.99 -17.50 31.85
CA VAL C 149 48.57 -16.10 31.74
C VAL C 149 49.64 -15.25 31.05
N THR C 150 50.60 -15.86 30.38
CA THR C 150 51.69 -15.12 29.76
C THR C 150 51.14 -14.18 28.69
N PRO C 151 51.44 -12.88 28.76
CA PRO C 151 50.86 -11.93 27.81
C PRO C 151 51.69 -11.80 26.53
N GLY C 152 51.05 -11.19 25.53
CA GLY C 152 51.67 -10.96 24.25
C GLY C 152 51.64 -12.14 23.30
N GLU C 153 51.13 -13.29 23.72
CA GLU C 153 51.11 -14.48 22.90
C GLU C 153 49.78 -14.57 22.14
N SER C 154 49.61 -15.65 21.39
CA SER C 154 48.40 -15.90 20.61
C SER C 154 47.66 -17.07 21.25
N VAL C 155 46.80 -16.75 22.22
CA VAL C 155 46.05 -17.74 22.97
C VAL C 155 44.78 -18.11 22.20
N SER C 156 44.48 -19.41 22.16
CA SER C 156 43.31 -19.92 21.47
C SER C 156 42.44 -20.68 22.45
N ILE C 157 41.12 -20.47 22.36
CA ILE C 157 40.14 -21.10 23.23
C ILE C 157 39.23 -21.97 22.38
N SER C 158 39.03 -23.22 22.81
CA SER C 158 38.26 -24.18 22.05
C SER C 158 36.89 -24.40 22.69
N CYS C 159 36.00 -25.02 21.91
CA CYS C 159 34.66 -25.34 22.38
C CYS C 159 34.11 -26.45 21.50
N ARG C 160 33.07 -27.11 22.01
CA ARG C 160 32.38 -28.16 21.26
C ARG C 160 30.94 -28.25 21.74
N SER C 161 30.10 -28.87 20.92
CA SER C 161 28.67 -28.96 21.18
C SER C 161 28.21 -30.40 20.95
N SER C 162 27.12 -30.75 21.63
CA SER C 162 26.56 -32.09 21.49
C SER C 162 26.08 -32.34 20.06
N LYS C 163 25.41 -31.36 19.46
CA LYS C 163 24.92 -31.48 18.09
C LYS C 163 25.33 -30.27 17.28
N SER C 164 25.42 -30.45 15.98
CA SER C 164 25.86 -29.39 15.08
C SER C 164 24.81 -28.30 15.02
N LEU C 165 25.15 -27.12 15.53
CA LEU C 165 24.22 -26.00 15.57
C LEU C 165 24.32 -25.10 14.33
N LEU C 166 24.33 -25.74 13.16
CA LEU C 166 24.34 -25.05 11.88
C LEU C 166 22.96 -25.22 11.25
N HIS C 167 22.19 -24.15 11.22
CA HIS C 167 20.84 -24.22 10.70
C HIS C 167 20.85 -24.17 9.18
N SER C 168 19.68 -24.44 8.59
CA SER C 168 19.58 -24.49 7.13
C SER C 168 19.72 -23.11 6.52
N ASN C 169 19.42 -22.05 7.27
CA ASN C 169 19.55 -20.70 6.73
C ASN C 169 21.01 -20.27 6.56
N GLY C 170 21.96 -21.04 7.10
CA GLY C 170 23.36 -20.88 6.76
C GLY C 170 24.24 -20.24 7.81
N ASN C 171 23.74 -19.97 9.00
CA ASN C 171 24.55 -19.38 10.06
C ASN C 171 24.54 -20.27 11.29
N THR C 172 25.67 -20.34 11.97
CA THR C 172 25.82 -21.13 13.18
C THR C 172 25.61 -20.23 14.38
N TYR C 173 24.64 -20.57 15.22
CA TYR C 173 24.26 -19.74 16.36
C TYR C 173 25.15 -20.07 17.55
N LEU C 174 26.36 -19.55 17.54
CA LEU C 174 27.29 -19.68 18.64
C LEU C 174 27.79 -18.30 19.04
N TYR C 175 27.72 -17.99 20.34
CA TYR C 175 28.08 -16.69 20.87
C TYR C 175 29.23 -16.82 21.84
N TRP C 176 30.10 -15.81 21.86
CA TRP C 176 31.28 -15.79 22.72
C TRP C 176 31.17 -14.62 23.68
N PHE C 177 31.38 -14.87 24.96
CA PHE C 177 31.32 -13.84 25.98
C PHE C 177 32.62 -13.85 26.78
N LEU C 178 33.01 -12.67 27.26
CA LEU C 178 34.17 -12.54 28.14
C LEU C 178 33.73 -11.82 29.40
N GLN C 179 33.92 -12.46 30.54
CA GLN C 179 33.59 -11.88 31.84
C GLN C 179 34.90 -11.50 32.54
N ARG C 180 35.22 -10.22 32.49
CA ARG C 180 36.39 -9.74 33.20
C ARG C 180 36.19 -9.85 34.71
N PRO C 181 37.26 -10.04 35.47
CA PRO C 181 37.11 -10.27 36.92
C PRO C 181 36.51 -9.07 37.63
N GLY C 182 35.30 -9.23 38.17
CA GLY C 182 34.65 -8.19 38.92
C GLY C 182 33.57 -7.42 38.20
N GLN C 183 33.19 -7.81 36.99
CA GLN C 183 32.18 -7.09 36.23
C GLN C 183 31.38 -8.07 35.39
N SER C 184 30.38 -7.53 34.69
CA SER C 184 29.43 -8.33 33.94
C SER C 184 30.07 -8.87 32.66
N PRO C 185 29.50 -9.94 32.09
CA PRO C 185 30.01 -10.45 30.82
C PRO C 185 29.81 -9.45 29.70
N GLN C 186 30.67 -9.56 28.69
CA GLN C 186 30.64 -8.68 27.53
C GLN C 186 30.69 -9.51 26.27
N LEU C 187 29.79 -9.23 25.33
CA LEU C 187 29.75 -9.97 24.09
C LEU C 187 30.95 -9.63 23.23
N LEU C 188 31.62 -10.66 22.71
CA LEU C 188 32.71 -10.49 21.76
C LEU C 188 32.32 -10.85 20.34
N ILE C 189 31.77 -12.04 20.15
CA ILE C 189 31.48 -12.57 18.83
C ILE C 189 30.09 -13.20 18.85
N TYR C 190 29.25 -12.84 17.89
CA TYR C 190 27.92 -13.43 17.75
C TYR C 190 27.84 -14.19 16.45
N ARG C 191 27.16 -15.34 16.48
CA ARG C 191 27.06 -16.26 15.35
C ARG C 191 28.44 -16.73 14.88
N MET C 192 29.38 -16.81 15.83
CA MET C 192 30.63 -17.55 15.73
C MET C 192 31.67 -16.90 14.82
N SER C 193 31.31 -15.86 14.07
CA SER C 193 32.30 -15.23 13.21
C SER C 193 32.24 -13.71 13.29
N ASN C 194 31.06 -13.16 13.60
CA ASN C 194 30.86 -11.72 13.53
C ASN C 194 31.38 -11.05 14.80
N LEU C 195 32.21 -10.03 14.62
CA LEU C 195 32.81 -9.31 15.74
C LEU C 195 31.86 -8.23 16.24
N ALA C 196 31.65 -8.19 17.55
CA ALA C 196 30.73 -7.23 18.14
C ALA C 196 31.27 -5.81 18.02
N SER C 197 30.36 -4.85 18.01
CA SER C 197 30.74 -3.45 17.88
C SER C 197 31.54 -3.01 19.10
N GLY C 198 32.65 -2.31 18.86
CA GLY C 198 33.49 -1.81 19.93
C GLY C 198 34.56 -2.77 20.39
N VAL C 199 34.55 -4.00 19.91
CA VAL C 199 35.54 -5.01 20.31
C VAL C 199 36.74 -4.92 19.39
N PRO C 200 37.96 -4.86 19.93
CA PRO C 200 39.14 -4.75 19.07
C PRO C 200 39.31 -5.95 18.16
N ASP C 201 39.92 -5.72 17.00
CA ASP C 201 40.03 -6.74 15.96
C ASP C 201 41.00 -7.86 16.29
N ARG C 202 41.57 -7.89 17.51
CA ARG C 202 42.40 -9.02 17.89
C ARG C 202 41.57 -10.30 17.97
N PHE C 203 40.36 -10.21 18.49
CA PHE C 203 39.52 -11.39 18.68
C PHE C 203 38.98 -11.89 17.34
N SER C 204 38.96 -13.20 17.17
CA SER C 204 38.47 -13.82 15.96
C SER C 204 37.75 -15.12 16.32
N GLY C 205 36.80 -15.51 15.49
CA GLY C 205 36.01 -16.69 15.76
C GLY C 205 35.87 -17.62 14.57
N SER C 206 36.14 -18.91 14.78
CA SER C 206 36.05 -19.90 13.73
C SER C 206 35.33 -21.13 14.26
N GLY C 207 34.76 -21.91 13.35
CA GLY C 207 34.03 -23.09 13.76
C GLY C 207 33.69 -23.94 12.56
N SER C 208 33.12 -25.12 12.85
CA SER C 208 32.73 -26.06 11.80
C SER C 208 31.37 -26.69 12.07
N GLY C 209 30.54 -26.06 12.90
CA GLY C 209 29.23 -26.61 13.22
C GLY C 209 29.17 -27.29 14.56
N THR C 210 30.21 -28.06 14.88
CA THR C 210 30.28 -28.80 16.14
C THR C 210 31.45 -28.36 17.01
N ALA C 211 32.64 -28.18 16.44
CA ALA C 211 33.80 -27.71 17.16
C ALA C 211 34.10 -26.28 16.77
N PHE C 212 34.36 -25.42 17.76
CA PHE C 212 34.55 -24.00 17.53
C PHE C 212 35.83 -23.53 18.21
N THR C 213 36.27 -22.34 17.82
CA THR C 213 37.50 -21.76 18.35
C THR C 213 37.34 -20.25 18.45
N LEU C 214 37.95 -19.68 19.49
CA LEU C 214 38.08 -18.24 19.64
C LEU C 214 39.56 -17.91 19.72
N THR C 215 40.03 -17.03 18.84
CA THR C 215 41.44 -16.71 18.73
C THR C 215 41.69 -15.27 19.16
N ILE C 216 42.75 -15.07 19.95
CA ILE C 216 43.23 -13.76 20.35
C ILE C 216 44.65 -13.62 19.83
N SER C 217 44.90 -12.57 19.06
CA SER C 217 46.18 -12.43 18.38
C SER C 217 47.28 -12.02 19.37
N ARG C 218 47.16 -10.85 19.97
CA ARG C 218 48.15 -10.33 20.91
C ARG C 218 47.44 -9.93 22.19
N LEU C 219 47.40 -10.86 23.15
CA LEU C 219 46.64 -10.65 24.37
C LEU C 219 47.24 -9.51 25.20
N GLU C 220 46.37 -8.64 25.70
CA GLU C 220 46.76 -7.52 26.54
C GLU C 220 46.39 -7.80 28.00
N ALA C 221 46.61 -6.81 28.85
CA ALA C 221 46.33 -6.98 30.27
C ALA C 221 44.84 -6.99 30.58
N GLU C 222 44.01 -6.48 29.67
CA GLU C 222 42.56 -6.42 29.88
C GLU C 222 41.82 -7.64 29.34
N ASP C 223 42.54 -8.60 28.75
CA ASP C 223 41.91 -9.78 28.16
C ASP C 223 41.82 -10.95 29.13
N VAL C 224 42.23 -10.77 30.38
CA VAL C 224 42.14 -11.85 31.36
C VAL C 224 40.71 -11.97 31.88
N GLY C 225 40.34 -13.19 32.27
CA GLY C 225 39.00 -13.45 32.73
C GLY C 225 38.45 -14.75 32.16
N VAL C 226 37.21 -15.07 32.48
CA VAL C 226 36.58 -16.30 32.03
C VAL C 226 35.87 -16.05 30.70
N TYR C 227 36.06 -16.96 29.76
CA TYR C 227 35.45 -16.86 28.43
C TYR C 227 34.39 -17.93 28.32
N TYR C 228 33.13 -17.51 28.21
CA TYR C 228 32.00 -18.44 28.10
C TYR C 228 31.54 -18.53 26.65
N CYS C 229 31.01 -19.70 26.30
CA CYS C 229 30.42 -19.94 24.99
C CYS C 229 28.95 -20.26 25.17
N MET C 230 28.12 -19.74 24.28
CA MET C 230 26.69 -19.92 24.36
C MET C 230 26.15 -20.32 22.99
N GLN C 231 25.10 -21.13 23.01
CA GLN C 231 24.41 -21.54 21.80
C GLN C 231 23.03 -20.88 21.75
N HIS C 232 22.51 -20.74 20.53
CA HIS C 232 21.22 -20.09 20.35
C HIS C 232 20.39 -20.80 19.29
N LEU C 233 20.61 -22.10 19.10
CA LEU C 233 19.89 -22.84 18.06
C LEU C 233 18.50 -23.24 18.55
N GLU C 234 18.43 -24.09 19.57
CA GLU C 234 17.18 -24.45 20.21
C GLU C 234 17.10 -23.73 21.55
N TYR C 235 15.89 -23.28 21.91
CA TYR C 235 15.83 -22.17 22.83
C TYR C 235 16.27 -22.55 24.25
N PRO C 236 16.16 -23.81 24.70
CA PRO C 236 16.80 -24.14 25.97
C PRO C 236 18.30 -24.00 25.86
N LEU C 237 18.77 -22.75 25.86
CA LEU C 237 20.13 -22.40 25.47
C LEU C 237 21.05 -22.40 26.69
N THR C 238 22.27 -22.92 26.49
CA THR C 238 23.15 -23.29 27.57
C THR C 238 24.56 -22.78 27.30
N PHE C 239 25.32 -22.63 28.39
CA PHE C 239 26.67 -22.11 28.36
C PHE C 239 27.67 -23.26 28.48
N GLY C 240 28.95 -22.91 28.64
CA GLY C 240 29.99 -23.92 28.62
C GLY C 240 30.93 -23.94 29.81
N ALA C 241 30.50 -23.35 30.92
CA ALA C 241 31.21 -23.40 32.21
C ALA C 241 32.49 -22.58 32.21
N GLY C 242 32.88 -22.03 31.06
CA GLY C 242 33.94 -21.05 30.98
C GLY C 242 35.32 -21.64 30.75
N THR C 243 36.26 -20.73 30.51
CA THR C 243 37.66 -21.09 30.28
C THR C 243 38.50 -19.94 30.83
N LYS C 244 38.98 -20.11 32.06
CA LYS C 244 39.73 -19.05 32.72
C LYS C 244 41.11 -18.89 32.09
N LEU C 245 41.65 -17.67 32.18
CA LEU C 245 42.99 -17.40 31.67
C LEU C 245 43.97 -17.18 32.80
N SER D 18 25.78 45.40 -29.92
CA SER D 18 24.91 44.23 -29.92
C SER D 18 25.72 42.94 -29.81
N GLU D 19 26.40 42.77 -28.68
CA GLU D 19 27.21 41.57 -28.46
C GLU D 19 26.36 40.32 -28.31
N LEU D 20 25.08 40.47 -27.96
CA LEU D 20 24.21 39.30 -27.82
C LEU D 20 24.03 38.59 -29.16
N ASP D 21 23.87 39.34 -30.24
CA ASP D 21 23.70 38.73 -31.55
C ASP D 21 24.97 37.99 -31.98
N GLN D 22 26.14 38.58 -31.73
CA GLN D 22 27.39 37.94 -32.11
C GLN D 22 27.61 36.64 -31.34
N LEU D 23 27.33 36.66 -30.02
CA LEU D 23 27.52 35.46 -29.22
C LEU D 23 26.56 34.35 -29.64
N ARG D 24 25.30 34.69 -29.91
CA ARG D 24 24.33 33.69 -30.33
C ARG D 24 24.72 33.06 -31.66
N GLN D 25 25.19 33.88 -32.61
CA GLN D 25 25.62 33.35 -33.90
C GLN D 25 26.83 32.44 -33.75
N GLU D 26 27.78 32.81 -32.88
CA GLU D 26 28.96 31.99 -32.68
C GLU D 26 28.59 30.63 -32.10
N ALA D 27 27.63 30.58 -31.18
CA ALA D 27 27.23 29.32 -30.58
C ALA D 27 26.61 28.38 -31.61
N GLU D 28 25.80 28.92 -32.53
CA GLU D 28 25.17 28.09 -33.54
C GLU D 28 26.20 27.42 -34.44
N GLN D 29 27.22 28.17 -34.86
CA GLN D 29 28.33 27.56 -35.60
C GLN D 29 29.10 26.58 -34.71
N LEU D 30 29.29 26.94 -33.43
CA LEU D 30 29.97 26.04 -32.51
C LEU D 30 29.19 24.75 -32.32
N LYS D 31 27.86 24.84 -32.21
CA LYS D 31 27.04 23.64 -32.07
C LYS D 31 27.09 22.78 -33.32
N ASN D 32 27.11 23.42 -34.51
CA ASN D 32 27.18 22.66 -35.75
C ASN D 32 28.51 21.93 -35.89
N GLN D 33 29.59 22.52 -35.38
CA GLN D 33 30.89 21.85 -35.44
C GLN D 33 30.88 20.55 -34.64
N ILE D 34 30.22 20.55 -33.49
CA ILE D 34 30.11 19.32 -32.69
C ILE D 34 29.31 18.27 -33.45
N ARG D 35 28.22 18.67 -34.09
CA ARG D 35 27.41 17.72 -34.84
C ARG D 35 28.19 17.11 -35.99
N ASP D 36 28.99 17.94 -36.68
CA ASP D 36 29.84 17.42 -37.74
C ASP D 36 30.87 16.43 -37.19
N ALA D 37 31.48 16.77 -36.05
CA ALA D 37 32.43 15.85 -35.43
C ALA D 37 31.75 14.56 -34.97
N ARG D 38 30.56 14.68 -34.40
CA ARG D 38 29.83 13.49 -33.99
C ARG D 38 29.44 12.62 -35.18
N LYS D 39 29.02 13.26 -36.28
CA LYS D 39 28.68 12.51 -37.48
C LYS D 39 29.92 11.89 -38.13
N ALA D 40 31.08 12.52 -37.95
CA ALA D 40 32.32 11.98 -38.53
C ALA D 40 32.68 10.64 -37.90
N CYS D 41 32.52 10.52 -36.59
CA CYS D 41 32.91 9.29 -35.88
C CYS D 41 31.87 8.19 -35.98
N ALA D 42 30.67 8.47 -36.51
CA ALA D 42 29.63 7.46 -36.64
C ALA D 42 29.97 6.57 -37.84
N ASP D 43 30.94 5.66 -37.61
CA ASP D 43 31.36 4.75 -38.66
C ASP D 43 30.22 3.80 -39.05
N ALA D 44 29.50 3.26 -38.06
CA ALA D 44 28.41 2.34 -38.31
C ALA D 44 27.38 2.50 -37.20
N THR D 45 26.47 1.54 -37.11
CA THR D 45 25.43 1.52 -36.09
C THR D 45 25.63 0.34 -35.15
N LEU D 46 25.03 0.44 -33.97
CA LEU D 46 25.12 -0.65 -33.01
C LEU D 46 24.41 -1.90 -33.52
N SER D 47 23.30 -1.73 -34.24
CA SER D 47 22.58 -2.88 -34.77
C SER D 47 23.43 -3.66 -35.76
N GLN D 48 24.18 -2.96 -36.62
CA GLN D 48 25.02 -3.64 -37.60
C GLN D 48 26.13 -4.42 -36.93
N ILE D 49 26.75 -3.85 -35.90
CA ILE D 49 27.84 -4.54 -35.21
C ILE D 49 27.32 -5.80 -34.51
N THR D 50 26.16 -5.71 -33.86
CA THR D 50 25.56 -6.83 -33.15
C THR D 50 24.54 -7.58 -34.00
N ASN D 51 24.64 -7.47 -35.33
CA ASN D 51 23.71 -8.22 -36.18
C ASN D 51 24.06 -9.69 -36.23
N ASN D 52 25.33 -10.04 -36.01
CA ASN D 52 25.75 -11.43 -36.00
C ASN D 52 25.58 -12.09 -34.63
N ILE D 53 25.28 -11.32 -33.59
CA ILE D 53 25.16 -11.90 -32.26
C ILE D 53 23.91 -12.76 -32.17
N ASP D 54 23.95 -13.75 -31.28
CA ASP D 54 22.81 -14.64 -31.12
C ASP D 54 21.71 -13.94 -30.32
N PRO D 55 20.46 -14.02 -30.77
CA PRO D 55 19.37 -13.42 -30.01
C PRO D 55 19.24 -14.06 -28.63
N VAL D 56 18.84 -13.23 -27.66
CA VAL D 56 18.69 -13.73 -26.30
C VAL D 56 17.51 -14.69 -26.18
N GLY D 57 16.56 -14.64 -27.11
CA GLY D 57 15.39 -15.49 -27.06
C GLY D 57 14.38 -14.98 -26.04
N ARG D 58 13.26 -15.69 -25.97
CA ARG D 58 12.22 -15.32 -25.03
C ARG D 58 12.70 -15.53 -23.60
N ILE D 59 12.51 -14.51 -22.76
CA ILE D 59 12.95 -14.54 -21.37
C ILE D 59 11.73 -14.43 -20.49
N GLN D 60 11.57 -15.38 -19.57
CA GLN D 60 10.41 -15.46 -18.70
C GLN D 60 10.86 -15.34 -17.25
N MET D 61 10.20 -14.47 -16.50
CA MET D 61 10.50 -14.27 -15.10
C MET D 61 9.22 -14.43 -14.30
N ARG D 62 9.31 -15.09 -13.16
CA ARG D 62 8.16 -15.36 -12.31
C ARG D 62 8.29 -14.60 -10.99
N THR D 63 7.16 -14.18 -10.45
CA THR D 63 7.14 -13.45 -9.19
C THR D 63 7.53 -14.40 -8.07
N ARG D 64 8.80 -14.35 -7.66
CA ARG D 64 9.27 -15.19 -6.58
C ARG D 64 8.82 -14.70 -5.21
N ARG D 65 8.46 -13.43 -5.09
CA ARG D 65 8.05 -12.88 -3.81
C ARG D 65 7.21 -11.64 -4.05
N THR D 66 6.30 -11.37 -3.12
CA THR D 66 5.48 -10.17 -3.15
C THR D 66 5.53 -9.52 -1.78
N LEU D 67 5.97 -8.26 -1.73
CA LEU D 67 6.16 -7.56 -0.48
C LEU D 67 4.98 -6.62 -0.27
N ARG D 68 4.21 -6.87 0.79
CA ARG D 68 3.01 -6.11 1.10
C ARG D 68 3.20 -5.37 2.42
N GLY D 69 2.54 -4.22 2.53
CA GLY D 69 2.64 -3.39 3.71
C GLY D 69 2.60 -1.91 3.43
N HIS D 70 2.85 -1.53 2.18
CA HIS D 70 2.70 -0.14 1.78
C HIS D 70 1.24 0.13 1.44
N LEU D 71 0.72 1.24 1.91
CA LEU D 71 -0.70 1.57 1.74
C LEU D 71 -0.92 2.72 0.78
N ALA D 72 0.08 3.06 -0.03
CA ALA D 72 -0.03 4.12 -1.02
C ALA D 72 0.93 3.81 -2.16
N LYS D 73 1.00 4.72 -3.13
CA LYS D 73 1.84 4.49 -4.29
C LYS D 73 3.31 4.47 -3.90
N ILE D 74 4.04 3.53 -4.49
CA ILE D 74 5.48 3.39 -4.25
C ILE D 74 6.22 4.16 -5.35
N TYR D 75 7.02 5.14 -4.95
CA TYR D 75 7.75 5.95 -5.90
C TYR D 75 9.22 5.59 -6.05
N ALA D 76 9.82 4.92 -5.08
CA ALA D 76 11.24 4.60 -5.19
C ALA D 76 11.58 3.35 -4.39
N MET D 77 12.57 2.63 -4.89
CA MET D 77 13.20 1.55 -4.14
C MET D 77 14.69 1.51 -4.49
N HIS D 78 15.48 0.91 -3.60
CA HIS D 78 16.89 0.74 -3.84
C HIS D 78 17.39 -0.49 -3.10
N TRP D 79 18.15 -1.33 -3.81
CA TRP D 79 18.75 -2.51 -3.19
C TRP D 79 19.94 -2.14 -2.33
N GLY D 80 20.21 -2.97 -1.32
CA GLY D 80 21.47 -2.92 -0.64
C GLY D 80 22.54 -3.69 -1.38
N THR D 81 23.80 -3.43 -1.03
CA THR D 81 24.90 -4.07 -1.75
C THR D 81 25.01 -5.56 -1.45
N ASP D 82 24.32 -6.06 -0.42
CA ASP D 82 24.35 -7.47 -0.10
C ASP D 82 23.38 -8.30 -0.95
N SER D 83 22.59 -7.65 -1.79
CA SER D 83 21.62 -8.30 -2.67
C SER D 83 20.52 -9.01 -1.90
N ARG D 84 20.32 -8.65 -0.64
CA ARG D 84 19.30 -9.27 0.20
C ARG D 84 18.35 -8.26 0.84
N LEU D 85 18.87 -7.13 1.29
CA LEU D 85 18.05 -6.08 1.87
C LEU D 85 17.73 -5.02 0.83
N LEU D 86 16.56 -4.41 0.94
CA LEU D 86 16.17 -3.32 0.07
C LEU D 86 15.29 -2.35 0.84
N VAL D 87 15.30 -1.10 0.40
CA VAL D 87 14.48 -0.05 0.99
C VAL D 87 13.50 0.42 -0.07
N SER D 88 12.30 0.78 0.35
CA SER D 88 11.28 1.29 -0.56
C SER D 88 10.59 2.49 0.07
N ALA D 89 10.20 3.44 -0.78
CA ALA D 89 9.51 4.65 -0.36
C ALA D 89 8.08 4.64 -0.87
N SER D 90 7.21 5.33 -0.15
CA SER D 90 5.83 5.45 -0.56
C SER D 90 5.23 6.66 0.13
N GLN D 91 4.09 7.11 -0.40
CA GLN D 91 3.47 8.35 0.04
C GLN D 91 2.55 8.17 1.24
N ASP D 92 2.54 6.99 1.86
CA ASP D 92 1.93 6.84 3.17
C ASP D 92 2.85 7.33 4.28
N GLY D 93 4.02 7.84 3.93
CA GLY D 93 4.93 8.41 4.89
C GLY D 93 5.90 7.43 5.52
N LYS D 94 6.10 6.27 4.92
CA LYS D 94 6.90 5.21 5.51
C LYS D 94 8.04 4.81 4.59
N LEU D 95 9.22 4.63 5.18
CA LEU D 95 10.37 4.04 4.52
C LEU D 95 10.57 2.66 5.12
N ILE D 96 10.34 1.61 4.34
CA ILE D 96 10.35 0.25 4.83
C ILE D 96 11.57 -0.47 4.29
N ILE D 97 12.33 -1.10 5.18
CA ILE D 97 13.46 -1.93 4.81
C ILE D 97 13.01 -3.39 4.84
N TRP D 98 13.15 -4.07 3.71
CA TRP D 98 12.63 -5.41 3.54
C TRP D 98 13.75 -6.43 3.63
N ASP D 99 13.39 -7.64 4.05
CA ASP D 99 14.25 -8.81 3.93
C ASP D 99 13.72 -9.59 2.73
N SER D 100 14.39 -9.45 1.59
CA SER D 100 13.86 -9.99 0.35
C SER D 100 13.87 -11.51 0.30
N TYR D 101 14.55 -12.18 1.25
CA TYR D 101 14.55 -13.64 1.27
C TYR D 101 13.36 -14.19 2.04
N THR D 102 13.06 -13.62 3.21
CA THR D 102 12.00 -14.12 4.08
C THR D 102 10.80 -13.18 4.15
N THR D 103 10.77 -12.13 3.33
CA THR D 103 9.69 -11.14 3.28
C THR D 103 9.58 -10.36 4.58
N ASN D 104 10.46 -10.61 5.54
CA ASN D 104 10.41 -9.94 6.83
C ASN D 104 10.67 -8.44 6.67
N LYS D 105 10.06 -7.65 7.54
CA LYS D 105 10.27 -6.22 7.58
C LYS D 105 11.32 -5.92 8.63
N VAL D 106 12.54 -5.59 8.20
CA VAL D 106 13.62 -5.32 9.12
C VAL D 106 13.40 -3.99 9.83
N HIS D 107 12.93 -2.98 9.11
CA HIS D 107 12.72 -1.65 9.68
C HIS D 107 11.51 -1.01 9.02
N ALA D 108 10.93 -0.04 9.71
CA ALA D 108 9.87 0.79 9.16
C ALA D 108 10.11 2.21 9.67
N ILE D 109 10.51 3.10 8.77
CA ILE D 109 10.95 4.45 9.12
C ILE D 109 9.84 5.43 8.74
N PRO D 110 9.26 6.14 9.70
CA PRO D 110 8.30 7.20 9.35
C PRO D 110 9.03 8.48 8.96
N LEU D 111 8.56 9.09 7.87
CA LEU D 111 9.17 10.30 7.34
C LEU D 111 8.40 11.53 7.80
N ARG D 112 9.13 12.63 7.98
CA ARG D 112 8.49 13.87 8.41
C ARG D 112 7.54 14.40 7.34
N SER D 113 7.94 14.32 6.08
CA SER D 113 7.10 14.71 4.95
C SER D 113 6.80 13.48 4.12
N SER D 114 5.52 13.22 3.87
CA SER D 114 5.11 12.02 3.14
C SER D 114 5.32 12.14 1.65
N TRP D 115 5.65 13.32 1.13
CA TRP D 115 5.83 13.52 -0.30
C TRP D 115 7.27 13.20 -0.69
N VAL D 116 7.56 11.89 -0.68
CA VAL D 116 8.90 11.37 -0.93
C VAL D 116 8.95 10.82 -2.34
N MET D 117 10.03 11.15 -3.06
CA MET D 117 10.16 10.77 -4.45
C MET D 117 11.38 9.92 -4.75
N THR D 118 12.30 9.73 -3.81
CA THR D 118 13.51 8.99 -4.11
C THR D 118 14.02 8.25 -2.88
N CYS D 119 14.75 7.17 -3.12
CA CYS D 119 15.37 6.34 -2.10
C CYS D 119 16.82 6.05 -2.46
N ALA D 120 17.65 5.91 -1.43
CA ALA D 120 19.03 5.51 -1.61
C ALA D 120 19.47 4.67 -0.41
N TYR D 121 20.24 3.63 -0.70
CA TYR D 121 20.85 2.77 0.31
C TYR D 121 22.35 2.99 0.28
N ALA D 122 22.94 3.28 1.44
CA ALA D 122 24.38 3.49 1.49
C ALA D 122 25.11 2.21 1.13
N PRO D 123 26.16 2.27 0.31
CA PRO D 123 26.91 1.04 -0.02
C PRO D 123 27.50 0.37 1.19
N SER D 124 27.90 1.14 2.21
CA SER D 124 28.31 0.54 3.47
C SER D 124 27.16 -0.23 4.12
N GLY D 125 25.96 0.31 4.04
CA GLY D 125 24.78 -0.33 4.58
C GLY D 125 24.29 0.24 5.88
N ASN D 126 24.95 1.25 6.41
CA ASN D 126 24.57 1.84 7.69
C ASN D 126 23.60 3.00 7.56
N TYR D 127 23.33 3.47 6.34
CA TYR D 127 22.49 4.63 6.13
C TYR D 127 21.53 4.40 4.97
N VAL D 128 20.41 5.12 5.01
CA VAL D 128 19.52 5.29 3.87
C VAL D 128 19.19 6.77 3.77
N ALA D 129 18.76 7.18 2.57
CA ALA D 129 18.41 8.56 2.31
C ALA D 129 17.08 8.63 1.57
N CYS D 130 16.36 9.73 1.78
CA CYS D 130 15.09 9.95 1.10
C CYS D 130 14.85 11.44 0.98
N GLY D 131 14.05 11.81 -0.03
CA GLY D 131 13.72 13.21 -0.25
C GLY D 131 12.58 13.31 -1.24
N GLY D 132 12.07 14.53 -1.37
CA GLY D 132 10.94 14.78 -2.24
C GLY D 132 10.52 16.23 -2.32
N LEU D 133 9.21 16.48 -2.22
CA LEU D 133 8.67 17.82 -2.39
C LEU D 133 9.11 18.79 -1.31
N ASP D 134 9.73 18.30 -0.24
CA ASP D 134 10.23 19.14 0.84
C ASP D 134 11.58 19.78 0.53
N ASN D 135 12.16 19.50 -0.64
CA ASN D 135 13.43 20.06 -1.08
C ASN D 135 14.59 19.70 -0.16
N ILE D 136 14.47 18.58 0.55
CA ILE D 136 15.44 18.20 1.57
C ILE D 136 15.79 16.73 1.38
N CYS D 137 17.07 16.41 1.53
CA CYS D 137 17.54 15.03 1.61
C CYS D 137 17.84 14.70 3.06
N SER D 138 17.17 13.68 3.59
CA SER D 138 17.33 13.27 4.98
C SER D 138 18.14 11.98 5.03
N ILE D 139 19.12 11.95 5.92
CA ILE D 139 19.99 10.79 6.11
C ILE D 139 19.59 10.10 7.40
N TYR D 140 19.39 8.79 7.32
CA TYR D 140 18.92 7.99 8.45
C TYR D 140 20.01 6.99 8.85
N ASN D 141 20.30 6.94 10.15
CA ASN D 141 21.33 6.04 10.68
C ASN D 141 20.66 4.73 11.07
N LEU D 142 20.95 3.66 10.32
CA LEU D 142 20.37 2.36 10.61
C LEU D 142 21.02 1.69 11.82
N LYS D 143 22.35 1.78 11.92
CA LYS D 143 23.09 1.07 12.97
C LYS D 143 23.31 2.01 14.15
N THR D 144 22.28 2.12 14.98
CA THR D 144 22.32 2.94 16.19
C THR D 144 22.41 2.03 17.41
N ARG D 145 23.39 2.28 18.27
CA ARG D 145 23.53 1.50 19.49
C ARG D 145 22.38 1.74 20.46
N GLU D 146 21.72 2.88 20.37
CA GLU D 146 20.59 3.20 21.25
C GLU D 146 19.26 2.77 20.65
N GLY D 147 19.18 1.53 20.19
CA GLY D 147 17.89 0.99 19.78
C GLY D 147 17.48 1.17 18.34
N ASN D 148 16.68 2.20 18.09
CA ASN D 148 15.91 2.34 16.86
C ASN D 148 16.72 3.06 15.77
N VAL D 149 16.02 3.45 14.71
CA VAL D 149 16.61 4.19 13.61
C VAL D 149 16.24 5.66 13.76
N ARG D 150 17.24 6.53 13.71
CA ARG D 150 17.03 7.96 13.89
C ARG D 150 17.65 8.73 12.72
N VAL D 151 17.13 9.93 12.49
CA VAL D 151 17.65 10.76 11.42
C VAL D 151 18.99 11.35 11.83
N SER D 152 19.89 11.47 10.87
CA SER D 152 21.26 11.91 11.12
C SER D 152 21.55 13.31 10.60
N ARG D 153 21.30 13.56 9.32
CA ARG D 153 21.52 14.87 8.73
C ARG D 153 20.40 15.19 7.76
N GLU D 154 19.94 16.44 7.78
CA GLU D 154 18.99 16.97 6.81
C GLU D 154 19.74 17.96 5.92
N LEU D 155 19.89 17.60 4.64
CA LEU D 155 20.66 18.40 3.70
C LEU D 155 19.74 19.36 2.98
N ALA D 156 19.77 20.62 3.40
CA ALA D 156 18.93 21.67 2.83
C ALA D 156 19.78 22.59 1.96
N GLY D 157 19.15 23.18 0.95
CA GLY D 157 19.87 24.05 0.04
C GLY D 157 19.39 24.00 -1.39
N HIS D 158 18.56 23.01 -1.72
CA HIS D 158 17.95 22.94 -3.03
C HIS D 158 16.72 23.82 -3.09
N THR D 159 16.45 24.38 -4.26
CA THR D 159 15.30 25.26 -4.45
C THR D 159 14.09 24.52 -4.99
N GLY D 160 14.29 23.42 -5.72
CA GLY D 160 13.22 22.59 -6.20
C GLY D 160 13.13 21.28 -5.45
N TYR D 161 12.18 20.45 -5.88
CA TYR D 161 11.97 19.17 -5.24
C TYR D 161 13.12 18.23 -5.54
N LEU D 162 13.29 17.23 -4.68
CA LEU D 162 14.37 16.26 -4.83
C LEU D 162 13.90 15.12 -5.73
N SER D 163 14.62 14.87 -6.81
CA SER D 163 14.23 13.85 -7.78
C SER D 163 15.03 12.56 -7.64
N CYS D 164 16.31 12.65 -7.30
CA CYS D 164 17.14 11.47 -7.12
C CYS D 164 18.26 11.81 -6.14
N CYS D 165 18.82 10.75 -5.55
CA CYS D 165 19.95 10.89 -4.64
C CYS D 165 20.68 9.55 -4.59
N ARG D 166 22.00 9.60 -4.51
CA ARG D 166 22.82 8.40 -4.51
C ARG D 166 24.02 8.62 -3.61
N PHE D 167 24.27 7.68 -2.71
CA PHE D 167 25.42 7.77 -1.83
C PHE D 167 26.70 7.54 -2.61
N LEU D 168 27.60 8.52 -2.56
CA LEU D 168 28.95 8.30 -3.09
C LEU D 168 29.76 7.42 -2.16
N ASP D 169 29.65 7.66 -0.86
CA ASP D 169 30.35 6.91 0.16
C ASP D 169 29.54 7.04 1.44
N ASP D 170 30.16 6.68 2.57
CA ASP D 170 29.46 6.79 3.85
C ASP D 170 29.28 8.25 4.28
N ASN D 171 29.96 9.19 3.63
CA ASN D 171 29.92 10.59 4.04
C ASN D 171 29.61 11.56 2.90
N GLN D 172 29.52 11.07 1.65
CA GLN D 172 29.26 11.93 0.50
C GLN D 172 28.04 11.42 -0.24
N ILE D 173 27.12 12.34 -0.56
CA ILE D 173 25.94 12.03 -1.33
C ILE D 173 25.77 13.09 -2.42
N VAL D 174 25.23 12.67 -3.56
CA VAL D 174 24.97 13.56 -4.68
C VAL D 174 23.47 13.52 -4.96
N THR D 175 22.88 14.70 -5.16
CA THR D 175 21.44 14.83 -5.32
C THR D 175 21.13 15.67 -6.56
N SER D 176 20.01 15.34 -7.20
CA SER D 176 19.47 16.13 -8.30
C SER D 176 18.13 16.72 -7.89
N SER D 177 17.83 17.90 -8.40
CA SER D 177 16.65 18.64 -7.98
C SER D 177 15.88 19.15 -9.19
N GLY D 178 14.68 19.64 -8.92
CA GLY D 178 13.84 20.29 -9.90
C GLY D 178 14.20 21.72 -10.20
N ASP D 179 15.19 22.29 -9.51
CA ASP D 179 15.70 23.61 -9.81
C ASP D 179 16.81 23.57 -10.85
N THR D 180 16.88 22.50 -11.64
CA THR D 180 17.78 22.31 -12.78
C THR D 180 19.23 22.13 -12.39
N THR D 181 19.54 21.95 -11.11
CA THR D 181 20.93 21.78 -10.68
C THR D 181 21.07 20.52 -9.84
N CYS D 182 22.23 19.89 -9.96
CA CYS D 182 22.66 18.82 -9.07
C CYS D 182 23.67 19.36 -8.07
N ALA D 183 23.79 18.67 -6.94
CA ALA D 183 24.70 19.09 -5.89
C ALA D 183 25.43 17.89 -5.31
N LEU D 184 26.64 18.13 -4.82
CA LEU D 184 27.42 17.14 -4.10
C LEU D 184 27.58 17.63 -2.67
N TRP D 185 27.19 16.80 -1.71
CA TRP D 185 27.11 17.21 -0.32
C TRP D 185 28.20 16.53 0.50
N ASP D 186 28.44 17.11 1.67
CA ASP D 186 29.29 16.53 2.71
C ASP D 186 28.40 16.31 3.93
N ILE D 187 28.09 15.04 4.22
CA ILE D 187 27.08 14.74 5.24
C ILE D 187 27.54 15.20 6.61
N GLU D 188 28.84 15.12 6.90
CA GLU D 188 29.33 15.52 8.21
C GLU D 188 29.04 16.99 8.51
N THR D 189 29.25 17.86 7.52
CA THR D 189 29.01 19.29 7.70
C THR D 189 27.67 19.75 7.15
N GLY D 190 27.10 19.04 6.18
CA GLY D 190 25.82 19.41 5.61
C GLY D 190 25.87 20.50 4.58
N GLN D 191 27.05 20.82 4.04
CA GLN D 191 27.21 21.90 3.07
C GLN D 191 27.49 21.33 1.70
N GLN D 192 27.07 22.06 0.67
CA GLN D 192 27.27 21.64 -0.72
C GLN D 192 28.73 21.80 -1.10
N THR D 193 29.43 20.68 -1.26
CA THR D 193 30.82 20.73 -1.71
C THR D 193 30.90 21.28 -3.14
N THR D 194 30.02 20.82 -4.01
CA THR D 194 30.03 21.22 -5.41
C THR D 194 28.59 21.36 -5.90
N THR D 195 28.37 22.32 -6.79
CA THR D 195 27.08 22.50 -7.45
C THR D 195 27.26 22.32 -8.94
N PHE D 196 26.44 21.48 -9.55
CA PHE D 196 26.54 21.13 -10.96
C PHE D 196 25.38 21.80 -11.71
N THR D 197 25.71 22.80 -12.52
CA THR D 197 24.73 23.61 -13.23
C THR D 197 24.95 23.51 -14.73
N GLY D 198 23.88 23.75 -15.48
CA GLY D 198 23.94 23.67 -16.93
C GLY D 198 22.68 23.14 -17.59
N HIS D 199 21.85 22.44 -16.83
CA HIS D 199 20.55 22.02 -17.32
C HIS D 199 19.59 23.21 -17.34
N THR D 200 18.68 23.20 -18.31
CA THR D 200 17.65 24.23 -18.38
C THR D 200 16.31 23.76 -17.83
N GLY D 201 16.09 22.45 -17.78
CA GLY D 201 14.88 21.89 -17.20
C GLY D 201 15.20 21.09 -15.95
N ASP D 202 14.13 20.63 -15.29
CA ASP D 202 14.27 19.89 -14.05
C ASP D 202 15.06 18.60 -14.27
N VAL D 203 16.02 18.35 -13.40
CA VAL D 203 16.77 17.10 -13.44
C VAL D 203 15.95 16.03 -12.75
N MET D 204 15.59 14.98 -13.50
CA MET D 204 14.70 13.96 -12.98
C MET D 204 15.41 12.72 -12.47
N SER D 205 16.66 12.48 -12.86
CA SER D 205 17.35 11.27 -12.46
C SER D 205 18.85 11.51 -12.51
N LEU D 206 19.59 10.60 -11.86
CA LEU D 206 21.03 10.58 -11.93
C LEU D 206 21.50 9.14 -11.71
N SER D 207 22.74 8.87 -12.10
CA SER D 207 23.31 7.53 -11.99
C SER D 207 24.80 7.64 -11.80
N LEU D 208 25.29 7.19 -10.64
CA LEU D 208 26.71 7.22 -10.36
C LEU D 208 27.45 6.18 -11.17
N ALA D 209 28.66 6.51 -11.59
CA ALA D 209 29.48 5.58 -12.34
C ALA D 209 29.95 4.44 -11.43
N PRO D 210 30.28 3.28 -12.01
CA PRO D 210 30.84 2.20 -11.19
C PRO D 210 32.11 2.59 -10.47
N ASP D 211 32.94 3.46 -11.06
CA ASP D 211 34.15 3.95 -10.41
C ASP D 211 33.89 5.13 -9.48
N THR D 212 32.65 5.60 -9.39
CA THR D 212 32.24 6.70 -8.51
C THR D 212 33.12 7.93 -8.71
N ARG D 213 33.44 8.23 -9.96
CA ARG D 213 34.15 9.45 -10.32
C ARG D 213 33.33 10.38 -11.20
N LEU D 214 32.44 9.84 -12.03
CA LEU D 214 31.58 10.62 -12.90
C LEU D 214 30.13 10.20 -12.65
N PHE D 215 29.20 10.99 -13.16
CA PHE D 215 27.80 10.59 -13.14
C PHE D 215 27.05 11.31 -14.24
N VAL D 216 25.91 10.75 -14.61
CA VAL D 216 25.06 11.30 -15.65
C VAL D 216 23.76 11.77 -15.01
N SER D 217 23.02 12.60 -15.75
CA SER D 217 21.78 13.15 -15.24
C SER D 217 20.90 13.55 -16.42
N GLY D 218 19.71 12.97 -16.50
CA GLY D 218 18.73 13.37 -17.49
C GLY D 218 17.79 14.42 -16.93
N ALA D 219 17.38 15.34 -17.79
CA ALA D 219 16.58 16.48 -17.36
C ALA D 219 15.34 16.61 -18.23
N CYS D 220 14.49 17.56 -17.85
CA CYS D 220 13.27 17.85 -18.60
C CYS D 220 13.55 18.55 -19.92
N ASP D 221 14.76 19.05 -20.15
CA ASP D 221 15.13 19.63 -21.43
C ASP D 221 15.54 18.58 -22.45
N ALA D 222 15.25 17.30 -22.19
CA ALA D 222 15.53 16.20 -23.10
C ALA D 222 17.03 16.07 -23.39
N SER D 223 17.87 16.45 -22.43
CA SER D 223 19.31 16.36 -22.59
C SER D 223 19.92 15.68 -21.37
N ALA D 224 20.98 14.91 -21.61
CA ALA D 224 21.73 14.24 -20.56
C ALA D 224 23.14 14.81 -20.51
N LYS D 225 23.65 15.02 -19.31
CA LYS D 225 24.95 15.65 -19.11
C LYS D 225 25.83 14.75 -18.25
N LEU D 226 27.06 14.56 -18.69
CA LEU D 226 28.05 13.80 -17.93
C LEU D 226 28.91 14.77 -17.12
N TRP D 227 28.98 14.54 -15.82
CA TRP D 227 29.66 15.45 -14.90
C TRP D 227 30.88 14.79 -14.29
N ASP D 228 31.76 15.64 -13.75
CA ASP D 228 32.94 15.19 -13.01
C ASP D 228 32.74 15.59 -11.56
N VAL D 229 32.77 14.60 -10.66
CA VAL D 229 32.51 14.86 -9.25
C VAL D 229 33.61 15.71 -8.64
N ARG D 230 34.87 15.40 -8.97
CA ARG D 230 36.00 16.12 -8.35
C ARG D 230 36.05 17.57 -8.81
N GLU D 231 36.20 17.79 -10.12
CA GLU D 231 36.30 19.16 -10.63
C GLU D 231 34.99 19.92 -10.46
N GLY D 232 33.89 19.33 -10.89
CA GLY D 232 32.59 19.93 -10.74
C GLY D 232 32.04 20.65 -11.95
N MET D 233 32.34 20.18 -13.16
CA MET D 233 31.88 20.83 -14.38
C MET D 233 31.38 19.78 -15.35
N CYS D 234 30.48 20.21 -16.24
CA CYS D 234 29.94 19.32 -17.26
C CYS D 234 31.01 18.96 -18.27
N ARG D 235 31.05 17.68 -18.64
CA ARG D 235 32.03 17.19 -19.60
C ARG D 235 31.44 16.96 -20.98
N GLN D 236 30.30 16.28 -21.06
CA GLN D 236 29.63 16.00 -22.31
C GLN D 236 28.14 16.27 -22.14
N THR D 237 27.47 16.58 -23.25
CA THR D 237 26.03 16.77 -23.27
C THR D 237 25.44 15.94 -24.39
N PHE D 238 24.45 15.11 -24.05
CA PHE D 238 23.85 14.19 -25.00
C PHE D 238 22.41 14.60 -25.25
N THR D 239 22.03 14.66 -26.53
CA THR D 239 20.68 15.03 -26.93
C THR D 239 20.13 13.99 -27.88
N GLY D 240 18.84 14.09 -28.15
CA GLY D 240 18.19 13.16 -29.06
C GLY D 240 16.78 12.80 -28.65
N HIS D 241 16.46 12.98 -27.38
CA HIS D 241 15.12 12.71 -26.90
C HIS D 241 14.19 13.87 -27.26
N GLU D 242 12.92 13.54 -27.47
CA GLU D 242 11.91 14.53 -27.84
C GLU D 242 11.05 14.97 -26.67
N SER D 243 11.35 14.51 -25.46
CA SER D 243 10.57 14.89 -24.28
C SER D 243 11.44 14.67 -23.05
N ASP D 244 10.84 14.83 -21.88
CA ASP D 244 11.57 14.76 -20.63
C ASP D 244 12.22 13.39 -20.44
N ILE D 245 13.45 13.40 -19.94
CA ILE D 245 14.14 12.17 -19.58
C ILE D 245 13.76 11.82 -18.15
N ASN D 246 13.05 10.71 -17.98
CA ASN D 246 12.52 10.33 -16.68
C ASN D 246 13.47 9.45 -15.88
N ALA D 247 14.25 8.61 -16.55
CA ALA D 247 15.15 7.69 -15.88
C ALA D 247 16.48 7.63 -16.62
N ILE D 248 17.53 7.32 -15.87
CA ILE D 248 18.87 7.19 -16.44
C ILE D 248 19.62 6.14 -15.62
N CYS D 249 20.47 5.38 -16.29
CA CYS D 249 21.21 4.31 -15.64
C CYS D 249 22.52 4.08 -16.38
N PHE D 250 23.57 3.78 -15.63
CA PHE D 250 24.89 3.51 -16.19
C PHE D 250 25.02 2.05 -16.61
N PHE D 251 25.67 1.83 -17.74
CA PHE D 251 26.04 0.49 -18.16
C PHE D 251 27.04 -0.10 -17.17
N PRO D 252 27.06 -1.42 -17.00
CA PRO D 252 28.04 -2.03 -16.09
C PRO D 252 29.48 -1.70 -16.45
N ASN D 253 29.79 -1.55 -17.73
CA ASN D 253 31.15 -1.25 -18.15
C ASN D 253 31.59 0.12 -17.67
N GLY D 254 30.65 1.03 -17.45
CA GLY D 254 30.96 2.37 -16.98
C GLY D 254 31.21 3.39 -18.07
N ASN D 255 31.16 2.99 -19.35
CA ASN D 255 31.40 3.88 -20.46
C ASN D 255 30.17 4.13 -21.31
N ALA D 256 28.99 3.82 -20.79
CA ALA D 256 27.74 4.04 -21.53
C ALA D 256 26.62 4.18 -20.52
N PHE D 257 25.48 4.69 -21.00
CA PHE D 257 24.31 4.82 -20.15
C PHE D 257 23.05 4.81 -21.01
N ALA D 258 21.94 4.43 -20.39
CA ALA D 258 20.66 4.37 -21.06
C ALA D 258 19.70 5.37 -20.42
N THR D 259 18.78 5.89 -21.22
CA THR D 259 17.85 6.92 -20.79
C THR D 259 16.42 6.45 -21.05
N GLY D 260 15.51 6.87 -20.18
CA GLY D 260 14.10 6.60 -20.36
C GLY D 260 13.28 7.86 -20.36
N SER D 261 12.60 8.14 -21.46
CA SER D 261 11.97 9.43 -21.67
C SER D 261 10.46 9.27 -21.80
N ASP D 262 9.77 10.41 -21.87
CA ASP D 262 8.31 10.44 -21.93
C ASP D 262 7.74 10.18 -23.31
N ASP D 263 8.57 10.16 -24.36
CA ASP D 263 8.11 9.84 -25.70
C ASP D 263 8.09 8.35 -25.96
N ALA D 264 7.99 7.54 -24.91
CA ALA D 264 7.87 6.09 -25.02
C ALA D 264 9.05 5.48 -25.76
N THR D 265 10.23 6.03 -25.54
CA THR D 265 11.44 5.55 -26.20
C THR D 265 12.58 5.47 -25.21
N CYS D 266 13.54 4.61 -25.50
CA CYS D 266 14.76 4.46 -24.73
C CYS D 266 15.94 4.59 -25.68
N ARG D 267 17.03 5.17 -25.18
CA ARG D 267 18.22 5.39 -25.99
C ARG D 267 19.46 5.02 -25.20
N LEU D 268 20.46 4.53 -25.91
CA LEU D 268 21.75 4.17 -25.34
C LEU D 268 22.80 5.13 -25.87
N PHE D 269 23.49 5.82 -24.96
CA PHE D 269 24.53 6.78 -25.32
C PHE D 269 25.88 6.24 -24.91
N ASP D 270 26.89 6.48 -25.74
CA ASP D 270 28.25 6.05 -25.47
C ASP D 270 29.08 7.26 -25.07
N LEU D 271 29.78 7.17 -23.94
CA LEU D 271 30.54 8.30 -23.43
C LEU D 271 31.69 8.67 -24.36
N ARG D 272 32.41 7.68 -24.87
CA ARG D 272 33.57 7.98 -25.71
C ARG D 272 33.15 8.45 -27.10
N ALA D 273 32.16 7.79 -27.70
CA ALA D 273 31.69 8.20 -29.02
C ALA D 273 30.85 9.47 -28.97
N ASP D 274 30.32 9.82 -27.81
CA ASP D 274 29.55 11.06 -27.62
C ASP D 274 28.33 11.12 -28.53
N GLN D 275 27.67 9.99 -28.74
CA GLN D 275 26.46 9.98 -29.53
C GLN D 275 25.63 8.75 -29.21
N GLU D 276 24.34 8.82 -29.55
CA GLU D 276 23.43 7.72 -29.30
C GLU D 276 23.79 6.51 -30.15
N LEU D 277 23.64 5.32 -29.58
CA LEU D 277 23.97 4.08 -30.27
C LEU D 277 22.75 3.32 -30.74
N MET D 278 21.81 2.99 -29.84
CA MET D 278 20.64 2.22 -30.20
C MET D 278 19.40 2.84 -29.57
N THR D 279 18.26 2.61 -30.21
CA THR D 279 16.97 3.12 -29.75
C THR D 279 16.05 1.94 -29.47
N TYR D 280 15.42 1.95 -28.29
CA TYR D 280 14.54 0.87 -27.83
C TYR D 280 13.11 1.40 -27.82
N SER D 281 12.43 1.25 -28.96
CA SER D 281 11.07 1.75 -29.13
C SER D 281 10.25 0.72 -29.87
N HIS D 282 8.93 0.80 -29.67
CA HIS D 282 7.98 -0.05 -30.36
C HIS D 282 6.72 0.76 -30.64
N ASP D 283 6.11 0.51 -31.80
CA ASP D 283 4.88 1.24 -32.14
C ASP D 283 3.72 0.89 -31.23
N ASN D 284 3.76 -0.30 -30.62
CA ASN D 284 2.68 -0.72 -29.73
C ASN D 284 2.70 0.02 -28.39
N ILE D 285 3.81 0.68 -28.06
CA ILE D 285 3.97 1.36 -26.78
C ILE D 285 3.87 2.85 -27.02
N ILE D 286 2.94 3.50 -26.30
CA ILE D 286 2.76 4.94 -26.36
C ILE D 286 2.88 5.58 -24.98
N CYS D 287 3.31 4.82 -23.97
CA CYS D 287 3.45 5.31 -22.62
C CYS D 287 4.92 5.57 -22.31
N GLY D 288 5.19 6.63 -21.57
CA GLY D 288 6.56 6.97 -21.25
C GLY D 288 7.16 6.04 -20.21
N ILE D 289 8.48 6.01 -20.20
CA ILE D 289 9.25 5.14 -19.30
C ILE D 289 9.42 5.85 -17.95
N THR D 290 9.22 5.10 -16.87
CA THR D 290 9.38 5.64 -15.54
C THR D 290 10.71 5.26 -14.88
N SER D 291 11.29 4.12 -15.25
CA SER D 291 12.53 3.66 -14.66
C SER D 291 13.24 2.73 -15.62
N VAL D 292 14.57 2.74 -15.57
CA VAL D 292 15.39 1.83 -16.35
C VAL D 292 16.44 1.22 -15.44
N SER D 293 16.94 0.05 -15.84
CA SER D 293 18.00 -0.63 -15.11
C SER D 293 18.57 -1.72 -15.99
N PHE D 294 19.88 -1.93 -15.88
CA PHE D 294 20.58 -2.97 -16.62
C PHE D 294 20.70 -4.23 -15.78
N SER D 295 20.91 -5.36 -16.46
CA SER D 295 21.25 -6.57 -15.75
C SER D 295 22.75 -6.59 -15.43
N LYS D 296 23.18 -7.60 -14.68
CA LYS D 296 24.56 -7.66 -14.24
C LYS D 296 25.53 -7.76 -15.42
N SER D 297 25.15 -8.53 -16.44
CA SER D 297 25.99 -8.65 -17.63
C SER D 297 25.89 -7.43 -18.54
N GLY D 298 24.84 -6.64 -18.40
CA GLY D 298 24.59 -5.54 -19.30
C GLY D 298 23.89 -5.91 -20.59
N ARG D 299 23.61 -7.20 -20.81
CA ARG D 299 22.94 -7.62 -22.03
C ARG D 299 21.46 -7.30 -22.02
N LEU D 300 20.84 -7.29 -20.84
CA LEU D 300 19.42 -7.01 -20.71
C LEU D 300 19.22 -5.60 -20.16
N LEU D 301 18.32 -4.85 -20.78
CA LEU D 301 17.90 -3.55 -20.29
C LEU D 301 16.44 -3.66 -19.89
N LEU D 302 16.17 -3.43 -18.62
CA LEU D 302 14.82 -3.53 -18.08
C LEU D 302 14.26 -2.13 -17.87
N ALA D 303 13.07 -1.88 -18.38
CA ALA D 303 12.44 -0.57 -18.31
C ALA D 303 11.03 -0.70 -17.77
N GLY D 304 10.66 0.22 -16.88
CA GLY D 304 9.31 0.27 -16.33
C GLY D 304 8.50 1.33 -17.04
N TYR D 305 7.33 0.93 -17.53
CA TYR D 305 6.48 1.77 -18.36
C TYR D 305 5.24 2.22 -17.60
N ASP D 306 4.50 3.14 -18.21
CA ASP D 306 3.24 3.61 -17.68
C ASP D 306 2.07 2.70 -18.03
N ASP D 307 2.24 1.78 -18.98
CA ASP D 307 1.19 0.85 -19.36
C ASP D 307 1.10 -0.35 -18.43
N PHE D 308 1.65 -0.23 -17.22
CA PHE D 308 1.58 -1.16 -16.11
C PHE D 308 2.55 -2.33 -16.26
N ASN D 309 3.33 -2.38 -17.34
CA ASN D 309 4.17 -3.53 -17.64
C ASN D 309 5.63 -3.10 -17.71
N CYS D 310 6.49 -3.80 -16.98
CA CYS D 310 7.92 -3.60 -17.10
C CYS D 310 8.44 -4.44 -18.26
N ASN D 311 9.14 -3.80 -19.18
CA ASN D 311 9.60 -4.45 -20.40
C ASN D 311 11.07 -4.80 -20.30
N VAL D 312 11.46 -5.90 -20.92
CA VAL D 312 12.84 -6.37 -20.94
C VAL D 312 13.32 -6.26 -22.38
N TRP D 313 14.43 -5.55 -22.58
CA TRP D 313 14.99 -5.30 -23.90
C TRP D 313 16.35 -5.97 -24.01
N ASP D 314 16.63 -6.52 -25.19
CA ASP D 314 17.96 -7.00 -25.51
C ASP D 314 18.79 -5.79 -25.92
N ALA D 315 19.66 -5.33 -25.00
CA ALA D 315 20.33 -4.06 -25.19
C ALA D 315 21.24 -4.05 -26.41
N LEU D 316 21.81 -5.19 -26.77
CA LEU D 316 22.70 -5.25 -27.92
C LEU D 316 21.94 -5.24 -29.24
N LYS D 317 20.77 -5.88 -29.28
CA LYS D 317 20.02 -6.04 -30.52
C LYS D 317 18.80 -5.15 -30.62
N ALA D 318 18.43 -4.44 -29.56
CA ALA D 318 17.25 -3.58 -29.54
C ALA D 318 16.00 -4.35 -29.94
N ASP D 319 15.86 -5.54 -29.35
CA ASP D 319 14.69 -6.39 -29.55
C ASP D 319 14.02 -6.63 -28.20
N ARG D 320 12.69 -6.65 -28.20
CA ARG D 320 11.97 -7.00 -26.99
C ARG D 320 12.18 -8.48 -26.68
N ALA D 321 12.38 -8.78 -25.40
CA ALA D 321 12.68 -10.14 -24.97
C ALA D 321 11.78 -10.67 -23.87
N GLY D 322 11.09 -9.83 -23.13
CA GLY D 322 10.22 -10.30 -22.07
C GLY D 322 9.42 -9.16 -21.49
N VAL D 323 8.36 -9.54 -20.76
CA VAL D 323 7.47 -8.59 -20.12
C VAL D 323 7.27 -9.01 -18.69
N LEU D 324 7.41 -8.07 -17.76
CA LEU D 324 7.10 -8.32 -16.35
C LEU D 324 5.71 -7.75 -16.04
N ALA D 325 4.71 -8.51 -16.50
CA ALA D 325 3.32 -8.09 -16.35
C ALA D 325 2.74 -8.73 -15.10
N GLY D 326 2.87 -8.03 -13.98
CA GLY D 326 2.34 -8.52 -12.73
C GLY D 326 1.80 -7.41 -11.85
N HIS D 327 1.72 -6.20 -12.38
CA HIS D 327 1.30 -5.03 -11.63
C HIS D 327 0.02 -4.47 -12.21
N ASP D 328 -0.81 -3.91 -11.34
CA ASP D 328 -2.10 -3.36 -11.73
C ASP D 328 -2.08 -1.84 -11.83
N ASN D 329 -0.89 -1.22 -11.83
CA ASN D 329 -0.78 0.22 -11.99
C ASN D 329 0.60 0.52 -12.57
N ARG D 330 0.94 1.81 -12.62
CA ARG D 330 2.18 2.24 -13.25
C ARG D 330 3.39 1.76 -12.49
N VAL D 331 4.33 1.13 -13.19
CA VAL D 331 5.58 0.68 -12.59
C VAL D 331 6.48 1.90 -12.37
N SER D 332 6.56 2.35 -11.13
CA SER D 332 7.29 3.53 -10.78
C SER D 332 8.75 3.40 -10.55
N CYS D 333 9.20 2.24 -10.11
CA CYS D 333 10.59 2.03 -9.75
C CYS D 333 11.02 0.63 -10.16
N LEU D 334 12.34 0.46 -10.25
CA LEU D 334 12.93 -0.77 -10.75
C LEU D 334 14.26 -0.97 -10.05
N GLY D 335 14.74 -2.21 -10.06
CA GLY D 335 16.02 -2.52 -9.45
C GLY D 335 16.56 -3.88 -9.80
N VAL D 336 17.88 -4.01 -9.86
CA VAL D 336 18.55 -5.28 -10.08
C VAL D 336 19.63 -5.44 -9.03
N THR D 337 19.73 -6.64 -8.47
CA THR D 337 20.70 -6.89 -7.40
C THR D 337 22.12 -6.81 -7.93
N ASP D 338 23.05 -6.46 -7.04
CA ASP D 338 24.46 -6.48 -7.41
C ASP D 338 24.94 -7.89 -7.70
N ASP D 339 24.34 -8.89 -7.05
CA ASP D 339 24.58 -10.28 -7.43
C ASP D 339 23.94 -10.60 -8.76
N GLY D 340 22.90 -9.86 -9.14
CA GLY D 340 22.22 -10.08 -10.40
C GLY D 340 21.20 -11.19 -10.41
N MET D 341 20.81 -11.69 -9.23
CA MET D 341 19.96 -12.86 -9.14
C MET D 341 18.48 -12.53 -9.00
N ALA D 342 18.10 -11.25 -9.00
CA ALA D 342 16.71 -10.90 -8.84
C ALA D 342 16.46 -9.51 -9.39
N VAL D 343 15.19 -9.23 -9.66
CA VAL D 343 14.71 -7.90 -10.04
C VAL D 343 13.53 -7.57 -9.15
N ALA D 344 13.57 -6.40 -8.52
CA ALA D 344 12.47 -5.92 -7.70
C ALA D 344 11.77 -4.80 -8.44
N THR D 345 10.44 -4.87 -8.48
CA THR D 345 9.63 -3.94 -9.25
C THR D 345 8.54 -3.38 -8.35
N GLY D 346 8.65 -2.11 -8.02
CA GLY D 346 7.58 -1.42 -7.33
C GLY D 346 6.67 -0.71 -8.31
N SER D 347 5.47 -0.43 -7.84
CA SER D 347 4.46 0.20 -8.66
C SER D 347 3.42 0.95 -7.86
N TRP D 348 2.54 1.65 -8.54
CA TRP D 348 1.57 2.50 -7.86
C TRP D 348 0.45 1.71 -7.19
N ASP D 349 0.38 0.40 -7.41
CA ASP D 349 -0.59 -0.43 -6.70
C ASP D 349 -0.11 -0.83 -5.31
N SER D 350 1.00 -0.27 -4.84
CA SER D 350 1.51 -0.43 -3.48
C SER D 350 2.05 -1.83 -3.21
N PHE D 351 2.63 -2.47 -4.21
CA PHE D 351 3.23 -3.79 -4.04
C PHE D 351 4.60 -3.83 -4.70
N LEU D 352 5.52 -4.56 -4.09
CA LEU D 352 6.83 -4.82 -4.65
C LEU D 352 6.94 -6.31 -4.97
N LYS D 353 7.38 -6.62 -6.16
CA LYS D 353 7.45 -7.99 -6.64
C LYS D 353 8.89 -8.35 -6.99
N ILE D 354 9.33 -9.51 -6.55
CA ILE D 354 10.69 -9.99 -6.78
C ILE D 354 10.63 -11.05 -7.87
N TRP D 355 11.44 -10.89 -8.90
CA TRP D 355 11.31 -11.71 -10.11
C TRP D 355 12.57 -12.55 -10.32
N ASN D 356 12.36 -13.83 -10.62
CA ASN D 356 13.42 -14.77 -10.93
C ASN D 356 14.50 -14.86 -9.84
N SER E 6 23.41 39.48 -19.04
CA SER E 6 22.89 38.88 -20.26
C SER E 6 24.03 38.49 -21.19
N ILE E 7 24.96 39.41 -21.40
CA ILE E 7 26.12 39.13 -22.25
C ILE E 7 27.02 38.09 -21.60
N ALA E 8 27.18 38.16 -20.27
CA ALA E 8 28.02 37.20 -19.58
C ALA E 8 27.47 35.78 -19.68
N GLN E 9 26.15 35.64 -19.56
CA GLN E 9 25.53 34.32 -19.67
C GLN E 9 25.75 33.74 -21.07
N ALA E 10 25.61 34.56 -22.10
CA ALA E 10 25.86 34.09 -23.47
C ALA E 10 27.31 33.70 -23.64
N ARG E 11 28.24 34.50 -23.10
CA ARG E 11 29.65 34.16 -23.19
C ARG E 11 29.97 32.88 -22.42
N LYS E 12 29.38 32.71 -21.25
CA LYS E 12 29.62 31.52 -20.44
C LYS E 12 29.12 30.27 -21.16
N LEU E 13 27.94 30.35 -21.78
CA LEU E 13 27.41 29.21 -22.53
C LEU E 13 28.30 28.86 -23.71
N VAL E 14 28.82 29.87 -24.41
CA VAL E 14 29.70 29.63 -25.54
C VAL E 14 31.01 28.98 -25.07
N GLU E 15 31.57 29.47 -23.96
CA GLU E 15 32.84 28.92 -23.47
C GLU E 15 32.70 27.46 -23.10
N GLN E 16 31.61 27.08 -22.43
CA GLN E 16 31.38 25.68 -22.11
C GLN E 16 31.13 24.87 -23.37
N LEU E 17 30.45 25.46 -24.36
CA LEU E 17 30.18 24.76 -25.60
C LEU E 17 31.47 24.45 -26.36
N LYS E 18 32.43 25.36 -26.30
CA LYS E 18 33.72 25.11 -26.95
C LYS E 18 34.49 24.00 -26.24
N MET E 19 34.40 23.95 -24.90
CA MET E 19 35.10 22.92 -24.15
C MET E 19 34.59 21.52 -24.51
N GLU E 20 33.27 21.38 -24.67
CA GLU E 20 32.71 20.09 -25.07
C GLU E 20 33.12 19.73 -26.49
N ALA E 21 33.45 20.73 -27.32
CA ALA E 21 33.89 20.45 -28.68
C ALA E 21 35.29 19.86 -28.71
N ASN E 22 36.20 20.41 -27.89
CA ASN E 22 37.61 20.01 -27.91
C ASN E 22 37.83 18.80 -26.99
N ILE E 23 37.24 17.68 -27.40
CA ILE E 23 37.42 16.41 -26.72
C ILE E 23 37.75 15.34 -27.74
N ASP E 24 38.32 14.24 -27.26
CA ASP E 24 38.72 13.13 -28.11
C ASP E 24 37.55 12.17 -28.28
N ARG E 25 37.37 11.70 -29.51
CA ARG E 25 36.30 10.76 -29.83
C ARG E 25 36.89 9.57 -30.57
N ILE E 26 36.13 8.46 -30.56
CA ILE E 26 36.50 7.25 -31.27
C ILE E 26 35.32 6.82 -32.13
N LYS E 27 35.61 5.99 -33.13
CA LYS E 27 34.57 5.53 -34.04
C LYS E 27 33.56 4.66 -33.29
N VAL E 28 32.32 4.64 -33.79
CA VAL E 28 31.27 3.86 -33.16
C VAL E 28 31.62 2.38 -33.15
N SER E 29 32.16 1.88 -34.26
CA SER E 29 32.54 0.47 -34.33
C SER E 29 33.58 0.13 -33.26
N LYS E 30 34.40 1.10 -32.86
CA LYS E 30 35.32 0.88 -31.75
C LYS E 30 34.58 0.89 -30.42
N ALA E 31 33.64 1.81 -30.25
CA ALA E 31 32.87 1.89 -29.01
C ALA E 31 31.81 0.79 -28.92
N ALA E 32 31.18 0.44 -30.04
CA ALA E 32 30.17 -0.61 -30.01
C ALA E 32 30.77 -1.98 -29.73
N ALA E 33 31.99 -2.23 -30.23
CA ALA E 33 32.63 -3.52 -30.00
C ALA E 33 32.96 -3.73 -28.53
N ASP E 34 33.13 -2.65 -27.76
CA ASP E 34 33.43 -2.80 -26.34
C ASP E 34 32.22 -3.28 -25.57
N LEU E 35 31.03 -2.76 -25.88
CA LEU E 35 29.81 -3.27 -25.26
C LEU E 35 29.56 -4.71 -25.69
N MET E 36 29.83 -5.04 -26.95
CA MET E 36 29.75 -6.42 -27.40
C MET E 36 30.74 -7.31 -26.66
N ALA E 37 31.96 -6.81 -26.44
CA ALA E 37 32.96 -7.59 -25.74
C ALA E 37 32.62 -7.76 -24.27
N TYR E 38 32.10 -6.70 -23.63
CA TYR E 38 31.77 -6.79 -22.22
C TYR E 38 30.63 -7.77 -21.96
N CYS E 39 29.61 -7.76 -22.81
CA CYS E 39 28.46 -8.62 -22.59
C CYS E 39 28.82 -10.09 -22.72
N GLU E 40 29.65 -10.43 -23.72
CA GLU E 40 30.04 -11.82 -23.91
C GLU E 40 31.03 -12.29 -22.86
N ALA E 41 31.79 -11.38 -22.26
CA ALA E 41 32.74 -11.78 -21.23
C ALA E 41 32.05 -12.13 -19.92
N HIS E 42 30.88 -11.55 -19.67
CA HIS E 42 30.13 -11.79 -18.44
C HIS E 42 28.79 -12.45 -18.72
N ALA E 43 28.71 -13.25 -19.79
CA ALA E 43 27.44 -13.88 -20.15
C ALA E 43 27.11 -15.04 -19.21
N LYS E 44 28.12 -15.65 -18.59
CA LYS E 44 27.90 -16.78 -17.69
C LYS E 44 27.65 -16.37 -16.25
N GLU E 45 27.81 -15.09 -15.92
CA GLU E 45 27.60 -14.61 -14.55
C GLU E 45 26.30 -13.84 -14.38
N ASP E 46 25.38 -13.94 -15.34
CA ASP E 46 24.12 -13.21 -15.25
C ASP E 46 22.98 -14.18 -14.95
N PRO E 47 22.50 -14.24 -13.71
CA PRO E 47 21.39 -15.15 -13.40
C PRO E 47 20.12 -14.88 -14.18
N LEU E 48 19.86 -13.62 -14.53
CA LEU E 48 18.65 -13.31 -15.29
C LEU E 48 18.79 -13.73 -16.75
N LEU E 49 19.95 -13.51 -17.34
CA LEU E 49 20.19 -13.94 -18.72
C LEU E 49 20.18 -15.45 -18.82
N THR E 50 20.96 -16.12 -17.97
CA THR E 50 21.04 -17.58 -17.95
C THR E 50 20.54 -18.07 -16.60
N PRO E 51 19.32 -18.59 -16.51
CA PRO E 51 18.77 -18.99 -15.21
C PRO E 51 19.66 -20.03 -14.54
N VAL E 52 20.07 -19.72 -13.31
CA VAL E 52 20.93 -20.59 -12.52
C VAL E 52 20.13 -21.81 -12.08
N PRO E 53 20.76 -22.91 -11.69
CA PRO E 53 20.00 -24.11 -11.28
C PRO E 53 19.07 -23.80 -10.13
N ALA E 54 17.91 -24.50 -10.13
CA ALA E 54 16.85 -24.18 -9.17
C ALA E 54 17.35 -24.28 -7.73
N SER E 55 18.26 -25.22 -7.46
CA SER E 55 18.79 -25.35 -6.10
C SER E 55 19.65 -24.16 -5.70
N GLU E 56 20.12 -23.37 -6.65
CA GLU E 56 20.95 -22.21 -6.36
C GLU E 56 20.15 -20.92 -6.23
N ASN E 57 18.85 -20.94 -6.48
CA ASN E 57 18.03 -19.75 -6.35
C ASN E 57 17.87 -19.39 -4.88
N PRO E 58 18.23 -18.18 -4.44
CA PRO E 58 17.93 -17.79 -3.07
C PRO E 58 16.49 -17.40 -2.84
N PHE E 59 15.70 -17.21 -3.90
CA PHE E 59 14.31 -16.79 -3.77
C PHE E 59 13.31 -17.88 -4.10
N ARG E 60 13.67 -18.85 -4.93
CA ARG E 60 12.75 -19.95 -5.22
C ARG E 60 12.60 -20.86 -4.01
N GLU E 61 13.70 -21.17 -3.34
CA GLU E 61 13.67 -22.07 -2.19
C GLU E 61 14.92 -21.90 -1.32
#